data_4ZBB
#
_entry.id   4ZBB
#
_cell.length_a   53.451
_cell.length_b   92.156
_cell.length_c   184.734
_cell.angle_alpha   90.00
_cell.angle_beta   90.00
_cell.angle_gamma   90.00
#
_symmetry.space_group_name_H-M   'P 21 21 21'
#
loop_
_entity.id
_entity.type
_entity.pdbx_description
1 polymer PcUre2p8
2 non-polymer 'GLUTATHIONE S-(2,4 DINITROBENZENE)'
3 non-polymer 'ACETATE ION'
4 non-polymer 'CHLORIDE ION'
5 non-polymer GLYCEROL
6 water water
#
_entity_poly.entity_id   1
_entity_poly.type   'polypeptide(L)'
_entity_poly.pdbx_seq_one_letter_code
;MASHDKQFSLFLHKASAHGWKVAFVLEELSLSYEIVLVDVAKNEQKSPEFMKLNPNGRTPALIDHGNSDFVIWESNAMVQ
YVADKYDTERKISMAPGTDDFYIQLQWQYFQGTGQGPYFGQLVWFTLYHEEKIPSAVTRYKEEALRVFSVLERVLSNQEW
LVGGKMTIADISFVSWNDMIVHFLDNFDFEKEFPATAAWHYKMLKRPTIKRPWDERRKLMSRQ
;
_entity_poly.pdbx_strand_id   A,C,B,D
#
# COMPACT_ATOMS: atom_id res chain seq x y z
N ALA A 2 0.11 -28.31 -4.39
CA ALA A 2 0.49 -26.91 -4.35
C ALA A 2 1.03 -26.54 -2.98
N SER A 3 1.77 -27.45 -2.36
CA SER A 3 2.27 -27.26 -1.00
C SER A 3 1.39 -27.90 0.08
N HIS A 4 0.16 -28.25 -0.28
CA HIS A 4 -0.68 -29.13 0.51
C HIS A 4 -1.54 -29.99 -0.36
N ASP A 5 -2.23 -30.96 0.12
N ASP A 5 -2.21 -30.98 0.12
CA ASP A 5 -2.95 -31.92 -0.69
CA ASP A 5 -2.95 -31.96 -0.66
C ASP A 5 -4.46 -31.82 -0.46
C ASP A 5 -4.47 -31.81 -0.49
N LYS A 6 -4.91 -30.71 0.11
CA LYS A 6 -6.32 -30.35 0.30
C LYS A 6 -7.04 -29.87 -0.97
N GLN A 7 -8.36 -30.01 -1.03
CA GLN A 7 -9.09 -29.59 -2.23
C GLN A 7 -9.09 -28.07 -2.38
N PHE A 8 -9.18 -27.38 -1.25
CA PHE A 8 -9.33 -25.92 -1.26
C PHE A 8 -8.17 -25.24 -0.54
N SER A 9 -7.67 -24.17 -1.13
CA SER A 9 -6.98 -23.13 -0.37
C SER A 9 -7.95 -22.02 -0.01
N LEU A 10 -8.10 -21.78 1.28
CA LEU A 10 -8.96 -20.71 1.76
C LEU A 10 -8.09 -19.59 2.35
N PHE A 11 -8.03 -18.48 1.64
CA PHE A 11 -7.27 -17.32 2.10
C PHE A 11 -8.15 -16.41 2.94
N LEU A 12 -7.78 -16.24 4.20
CA LEU A 12 -8.56 -15.40 5.10
C LEU A 12 -7.68 -14.63 6.08
N HIS A 13 -8.27 -13.59 6.68
CA HIS A 13 -7.66 -12.91 7.81
C HIS A 13 -8.34 -13.34 9.09
N LYS A 14 -7.55 -13.69 10.09
CA LYS A 14 -8.08 -14.44 11.22
C LYS A 14 -9.21 -13.69 11.92
N ALA A 15 -9.13 -12.36 11.92
CA ALA A 15 -10.05 -11.54 12.70
C ALA A 15 -11.35 -11.27 11.97
N SER A 16 -11.36 -11.55 10.67
CA SER A 16 -12.50 -11.24 9.80
C SER A 16 -13.61 -12.27 9.97
N ALA A 17 -14.85 -11.84 9.77
CA ALA A 17 -16.00 -12.72 9.85
C ALA A 17 -16.09 -13.65 8.63
N HIS A 18 -15.48 -13.22 7.53
CA HIS A 18 -15.95 -13.62 6.22
C HIS A 18 -15.36 -14.93 5.77
N GLY A 19 -14.09 -15.14 6.07
CA GLY A 19 -13.42 -16.38 5.73
C GLY A 19 -13.95 -17.57 6.52
N TRP A 20 -14.17 -17.38 7.81
CA TRP A 20 -14.63 -18.47 8.65
C TRP A 20 -16.00 -18.96 8.26
N LYS A 21 -16.83 -18.05 7.76
CA LYS A 21 -18.10 -18.42 7.18
C LYS A 21 -17.94 -19.49 6.11
N VAL A 22 -17.00 -19.27 5.19
CA VAL A 22 -16.73 -20.23 4.14
C VAL A 22 -16.26 -21.55 4.75
N ALA A 23 -15.38 -21.45 5.74
CA ALA A 23 -14.92 -22.63 6.48
C ALA A 23 -16.08 -23.46 7.02
N PHE A 24 -17.03 -22.81 7.67
CA PHE A 24 -18.22 -23.49 8.17
C PHE A 24 -18.81 -24.37 7.08
N VAL A 25 -19.00 -23.79 5.90
CA VAL A 25 -19.66 -24.49 4.81
C VAL A 25 -18.82 -25.65 4.30
N LEU A 26 -17.52 -25.43 4.18
CA LEU A 26 -16.61 -26.50 3.79
C LEU A 26 -16.69 -27.69 4.75
N GLU A 27 -16.71 -27.40 6.06
CA GLU A 27 -16.85 -28.45 7.06
C GLU A 27 -18.18 -29.19 6.90
N GLU A 28 -19.26 -28.43 6.75
CA GLU A 28 -20.58 -29.02 6.62
C GLU A 28 -20.65 -29.99 5.44
N LEU A 29 -19.83 -29.76 4.42
CA LEU A 29 -19.93 -30.49 3.17
C LEU A 29 -18.79 -31.47 3.01
N SER A 30 -18.05 -31.71 4.08
CA SER A 30 -17.04 -32.76 4.10
C SER A 30 -15.94 -32.49 3.08
N LEU A 31 -15.68 -31.21 2.84
CA LEU A 31 -14.67 -30.80 1.87
C LEU A 31 -13.36 -30.45 2.56
N SER A 32 -12.26 -30.98 2.05
CA SER A 32 -10.94 -30.73 2.62
C SER A 32 -10.43 -29.35 2.20
N TYR A 33 -9.83 -28.64 3.16
CA TYR A 33 -9.27 -27.33 2.86
C TYR A 33 -8.07 -27.00 3.74
N GLU A 34 -7.25 -26.08 3.24
CA GLU A 34 -6.18 -25.52 4.04
C GLU A 34 -6.39 -24.02 4.17
N ILE A 35 -6.37 -23.52 5.40
CA ILE A 35 -6.40 -22.10 5.64
C ILE A 35 -5.04 -21.47 5.41
N VAL A 36 -5.01 -20.45 4.56
CA VAL A 36 -3.84 -19.63 4.35
C VAL A 36 -4.09 -18.24 4.90
N LEU A 37 -3.36 -17.87 5.93
CA LEU A 37 -3.60 -16.59 6.60
C LEU A 37 -3.07 -15.44 5.77
N VAL A 38 -3.94 -14.48 5.49
CA VAL A 38 -3.52 -13.23 4.87
C VAL A 38 -3.66 -12.08 5.86
N ASP A 39 -2.54 -11.52 6.25
CA ASP A 39 -2.46 -10.75 7.49
C ASP A 39 -2.71 -9.27 7.20
N VAL A 40 -3.94 -8.84 7.43
CA VAL A 40 -4.35 -7.47 7.16
C VAL A 40 -3.52 -6.45 7.95
N ALA A 41 -2.98 -6.91 9.08
CA ALA A 41 -2.13 -6.06 9.92
C ALA A 41 -0.83 -5.71 9.21
N LYS A 42 -0.42 -6.56 8.27
CA LYS A 42 0.77 -6.31 7.47
C LYS A 42 0.40 -5.81 6.06
N ASN A 43 -0.85 -5.43 5.89
CA ASN A 43 -1.38 -5.02 4.59
C ASN A 43 -1.20 -6.09 3.50
N GLU A 44 -1.16 -7.35 3.91
CA GLU A 44 -0.90 -8.44 2.96
C GLU A 44 -2.02 -8.57 1.92
N GLN A 45 -3.22 -8.13 2.28
CA GLN A 45 -4.35 -8.16 1.36
C GLN A 45 -4.17 -7.18 0.20
N LYS A 46 -3.18 -6.31 0.31
CA LYS A 46 -2.88 -5.35 -0.76
C LYS A 46 -1.59 -5.70 -1.48
N SER A 47 -1.02 -6.85 -1.14
CA SER A 47 0.14 -7.37 -1.86
C SER A 47 -0.21 -7.76 -3.29
N PRO A 48 0.77 -7.61 -4.19
CA PRO A 48 0.58 -8.03 -5.58
C PRO A 48 0.16 -9.49 -5.69
N GLU A 49 0.69 -10.34 -4.81
CA GLU A 49 0.42 -11.77 -4.88
C GLU A 49 -1.04 -12.07 -4.57
N PHE A 50 -1.58 -11.44 -3.53
CA PHE A 50 -2.98 -11.66 -3.21
C PHE A 50 -3.89 -10.94 -4.19
N MET A 51 -3.46 -9.79 -4.68
CA MET A 51 -4.30 -9.00 -5.56
C MET A 51 -4.42 -9.63 -6.95
N LYS A 52 -3.52 -10.55 -7.26
CA LYS A 52 -3.69 -11.44 -8.40
C LYS A 52 -4.90 -12.36 -8.21
N LEU A 53 -5.15 -12.75 -6.97
CA LEU A 53 -6.31 -13.57 -6.64
C LEU A 53 -7.58 -12.74 -6.59
N ASN A 54 -7.47 -11.55 -6.00
CA ASN A 54 -8.61 -10.65 -5.86
C ASN A 54 -8.23 -9.20 -6.10
N PRO A 55 -8.63 -8.65 -7.23
CA PRO A 55 -8.25 -7.28 -7.59
C PRO A 55 -8.80 -6.26 -6.60
N ASN A 56 -9.78 -6.66 -5.81
CA ASN A 56 -10.33 -5.81 -4.76
C ASN A 56 -9.39 -5.66 -3.57
N GLY A 57 -8.45 -6.58 -3.44
CA GLY A 57 -7.48 -6.54 -2.36
C GLY A 57 -8.13 -6.60 -0.99
N ARG A 58 -9.12 -7.46 -0.85
CA ARG A 58 -9.69 -7.79 0.45
C ARG A 58 -9.84 -9.29 0.61
N THR A 59 -9.69 -9.79 1.82
CA THR A 59 -9.96 -11.19 2.12
C THR A 59 -11.47 -11.40 2.33
N PRO A 60 -11.97 -12.59 2.02
CA PRO A 60 -11.15 -13.77 1.72
C PRO A 60 -11.11 -14.08 0.22
N ALA A 61 -10.41 -15.15 -0.14
CA ALA A 61 -10.51 -15.73 -1.47
C ALA A 61 -10.34 -17.24 -1.43
N LEU A 62 -10.70 -17.90 -2.52
CA LEU A 62 -10.78 -19.35 -2.58
C LEU A 62 -10.07 -19.84 -3.82
N ILE A 63 -9.29 -20.92 -3.68
CA ILE A 63 -8.87 -21.70 -4.84
C ILE A 63 -9.39 -23.14 -4.73
N ASP A 64 -10.12 -23.56 -5.74
CA ASP A 64 -10.63 -24.93 -5.80
C ASP A 64 -9.70 -25.78 -6.65
N HIS A 65 -8.82 -26.51 -5.99
CA HIS A 65 -7.84 -27.34 -6.68
C HIS A 65 -8.48 -28.57 -7.25
N GLY A 66 -9.74 -28.81 -6.88
CA GLY A 66 -10.52 -29.87 -7.47
C GLY A 66 -11.25 -29.45 -8.74
N ASN A 67 -11.12 -28.17 -9.08
CA ASN A 67 -11.68 -27.64 -10.32
C ASN A 67 -10.66 -26.76 -11.04
N SER A 68 -9.52 -27.34 -11.39
CA SER A 68 -8.53 -26.68 -12.22
C SER A 68 -8.06 -25.37 -11.58
N ASP A 69 -7.97 -25.36 -10.26
CA ASP A 69 -7.47 -24.19 -9.54
C ASP A 69 -8.34 -22.97 -9.81
N PHE A 70 -9.64 -23.20 -9.89
CA PHE A 70 -10.63 -22.13 -9.98
C PHE A 70 -10.51 -21.15 -8.81
N VAL A 71 -10.37 -19.87 -9.14
CA VAL A 71 -10.22 -18.82 -8.13
C VAL A 71 -11.48 -17.97 -8.06
N ILE A 72 -11.94 -17.72 -6.85
CA ILE A 72 -13.14 -16.90 -6.66
C ILE A 72 -13.09 -16.16 -5.33
N TRP A 73 -13.61 -14.94 -5.32
CA TRP A 73 -13.68 -14.15 -4.11
C TRP A 73 -15.04 -13.58 -3.88
N GLU A 74 -15.18 -12.82 -2.80
CA GLU A 74 -16.47 -12.41 -2.25
C GLU A 74 -17.03 -13.62 -1.49
N SER A 75 -17.13 -13.51 -0.18
CA SER A 75 -17.37 -14.67 0.68
C SER A 75 -18.72 -15.33 0.36
N ASN A 76 -19.71 -14.53 0.03
CA ASN A 76 -21.03 -15.04 -0.34
C ASN A 76 -21.03 -15.81 -1.65
N ALA A 77 -20.25 -15.32 -2.61
CA ALA A 77 -20.12 -16.02 -3.89
C ALA A 77 -19.35 -17.32 -3.70
N MET A 78 -18.35 -17.28 -2.82
CA MET A 78 -17.57 -18.47 -2.51
C MET A 78 -18.46 -19.55 -1.89
N VAL A 79 -19.29 -19.15 -0.93
CA VAL A 79 -20.25 -20.05 -0.33
C VAL A 79 -21.18 -20.67 -1.38
N GLN A 80 -21.74 -19.84 -2.23
CA GLN A 80 -22.71 -20.32 -3.22
C GLN A 80 -22.03 -21.31 -4.17
N TYR A 81 -20.80 -21.00 -4.56
CA TYR A 81 -20.05 -21.87 -5.45
C TYR A 81 -19.86 -23.25 -4.81
N VAL A 82 -19.31 -23.27 -3.61
CA VAL A 82 -19.09 -24.51 -2.88
C VAL A 82 -20.37 -25.32 -2.74
N ALA A 83 -21.43 -24.67 -2.27
CA ALA A 83 -22.69 -25.34 -2.00
C ALA A 83 -23.34 -25.86 -3.28
N ASP A 84 -23.43 -25.02 -4.29
CA ASP A 84 -24.07 -25.41 -5.55
C ASP A 84 -23.37 -26.59 -6.17
N LYS A 85 -22.04 -26.58 -6.14
CA LYS A 85 -21.25 -27.56 -6.86
C LYS A 85 -21.15 -28.86 -6.07
N TYR A 86 -21.14 -28.77 -4.75
CA TYR A 86 -20.68 -29.88 -3.92
C TYR A 86 -21.72 -30.40 -2.93
N ASP A 87 -22.79 -29.65 -2.71
CA ASP A 87 -23.87 -30.12 -1.85
C ASP A 87 -24.89 -30.94 -2.64
N THR A 88 -24.44 -32.01 -3.27
CA THR A 88 -25.24 -32.70 -4.26
C THR A 88 -26.45 -33.38 -3.63
N GLU A 89 -26.33 -33.71 -2.34
CA GLU A 89 -27.44 -34.29 -1.59
C GLU A 89 -28.31 -33.20 -0.95
N ARG A 90 -27.91 -31.94 -1.15
CA ARG A 90 -28.66 -30.80 -0.65
C ARG A 90 -28.92 -30.88 0.85
N LYS A 91 -27.86 -31.12 1.61
CA LYS A 91 -27.96 -31.21 3.06
C LYS A 91 -28.28 -29.85 3.68
N ILE A 92 -27.59 -28.83 3.20
CA ILE A 92 -27.66 -27.48 3.76
C ILE A 92 -27.93 -26.38 2.72
N SER A 93 -28.52 -26.74 1.59
CA SER A 93 -28.72 -25.78 0.52
C SER A 93 -29.95 -26.11 -0.31
N MET A 94 -30.56 -25.08 -0.89
CA MET A 94 -31.67 -25.25 -1.81
C MET A 94 -31.19 -25.64 -3.20
N ALA A 95 -32.01 -26.41 -3.91
CA ALA A 95 -31.67 -26.85 -5.25
C ALA A 95 -31.63 -25.67 -6.22
N PRO A 96 -30.54 -25.58 -6.98
CA PRO A 96 -30.48 -24.64 -8.09
C PRO A 96 -31.71 -24.75 -8.99
N GLY A 97 -32.15 -23.62 -9.53
CA GLY A 97 -33.27 -23.62 -10.47
C GLY A 97 -34.61 -23.84 -9.81
N THR A 98 -34.70 -23.53 -8.52
CA THR A 98 -35.99 -23.48 -7.83
C THR A 98 -36.25 -22.11 -7.23
N ASP A 99 -37.54 -21.78 -7.05
CA ASP A 99 -37.91 -20.55 -6.36
C ASP A 99 -37.11 -20.37 -5.07
N ASP A 100 -37.01 -21.43 -4.29
CA ASP A 100 -36.38 -21.35 -2.98
C ASP A 100 -34.90 -20.99 -3.07
N PHE A 101 -34.26 -21.39 -4.16
CA PHE A 101 -32.86 -21.00 -4.39
C PHE A 101 -32.72 -19.50 -4.29
N TYR A 102 -33.73 -18.79 -4.79
CA TYR A 102 -33.62 -17.34 -4.96
C TYR A 102 -34.04 -16.59 -3.71
N ILE A 103 -34.91 -17.20 -2.91
CA ILE A 103 -35.10 -16.75 -1.52
C ILE A 103 -33.85 -16.97 -0.69
N GLN A 104 -33.21 -18.12 -0.86
CA GLN A 104 -31.90 -18.38 -0.28
C GLN A 104 -30.91 -17.29 -0.65
N LEU A 105 -30.91 -16.91 -1.92
CA LEU A 105 -29.98 -15.90 -2.42
C LEU A 105 -30.30 -14.53 -1.83
N GLN A 106 -31.59 -14.20 -1.83
CA GLN A 106 -32.09 -13.04 -1.11
C GLN A 106 -31.49 -12.87 0.28
N TRP A 107 -31.53 -13.92 1.09
CA TRP A 107 -31.08 -13.83 2.46
C TRP A 107 -29.59 -13.70 2.57
N GLN A 108 -28.87 -14.33 1.64
CA GLN A 108 -27.42 -14.17 1.60
C GLN A 108 -27.03 -12.75 1.24
N TYR A 109 -27.78 -12.12 0.34
CA TYR A 109 -27.51 -10.73 0.01
C TYR A 109 -27.81 -9.81 1.19
N PHE A 110 -28.86 -10.11 1.95
CA PHE A 110 -29.11 -9.36 3.18
C PHE A 110 -27.93 -9.48 4.13
N GLN A 111 -27.39 -10.69 4.23
CA GLN A 111 -26.20 -10.92 5.04
C GLN A 111 -25.01 -10.10 4.50
N GLY A 112 -24.79 -10.18 3.19
CA GLY A 112 -23.60 -9.60 2.60
C GLY A 112 -23.67 -8.09 2.45
N THR A 113 -24.88 -7.57 2.23
CA THR A 113 -25.05 -6.15 1.95
C THR A 113 -25.66 -5.39 3.13
N GLY A 114 -26.28 -6.13 4.06
CA GLY A 114 -26.95 -5.51 5.19
C GLY A 114 -26.30 -5.72 6.54
N GLN A 115 -26.05 -6.98 6.90
CA GLN A 115 -25.31 -7.29 8.12
C GLN A 115 -23.85 -6.85 8.03
N GLY A 116 -23.13 -7.40 7.05
CA GLY A 116 -21.70 -7.26 7.00
C GLY A 116 -21.23 -5.82 7.04
N PRO A 117 -21.68 -5.02 6.07
CA PRO A 117 -21.15 -3.65 5.92
C PRO A 117 -21.49 -2.77 7.11
N TYR A 118 -22.69 -2.92 7.65
CA TYR A 118 -23.14 -2.06 8.74
C TYR A 118 -22.52 -2.45 10.07
N PHE A 119 -22.44 -3.75 10.34
CA PHE A 119 -21.63 -4.25 11.45
C PHE A 119 -20.21 -3.72 11.33
N GLY A 120 -19.67 -3.78 10.12
CA GLY A 120 -18.31 -3.36 9.86
C GLY A 120 -18.07 -1.88 10.16
N GLN A 121 -19.04 -1.05 9.81
CA GLN A 121 -18.92 0.38 10.07
C GLN A 121 -19.00 0.68 11.57
N LEU A 122 -19.81 -0.08 12.29
CA LEU A 122 -19.86 0.03 13.74
C LEU A 122 -18.50 -0.23 14.37
N VAL A 123 -17.90 -1.36 14.01
CA VAL A 123 -16.54 -1.66 14.44
C VAL A 123 -15.57 -0.54 14.03
N TRP A 124 -15.70 -0.06 12.80
CA TRP A 124 -14.76 0.92 12.29
C TRP A 124 -14.75 2.17 13.13
N PHE A 125 -15.93 2.73 13.36
CA PHE A 125 -16.03 4.01 14.05
C PHE A 125 -15.79 3.85 15.55
N THR A 126 -15.83 2.61 16.01
CA THR A 126 -15.49 2.31 17.41
C THR A 126 -13.98 2.23 17.61
N LEU A 127 -13.27 1.61 16.66
CA LEU A 127 -11.92 1.11 16.90
C LEU A 127 -10.88 1.83 16.06
N TYR A 128 -11.26 2.21 14.84
CA TYR A 128 -10.28 2.39 13.76
C TYR A 128 -10.29 3.80 13.18
N HIS A 129 -11.42 4.48 13.26
CA HIS A 129 -11.53 5.80 12.67
C HIS A 129 -10.56 6.73 13.33
N GLU A 130 -10.14 7.76 12.60
CA GLU A 130 -9.06 8.63 13.07
C GLU A 130 -9.53 9.48 14.26
N GLU A 131 -10.84 9.67 14.36
CA GLU A 131 -11.40 10.39 15.48
C GLU A 131 -12.66 9.71 16.01
N LYS A 132 -12.92 9.89 17.31
CA LYS A 132 -14.12 9.37 17.92
C LYS A 132 -15.33 10.21 17.54
N ILE A 133 -16.37 9.54 17.04
CA ILE A 133 -17.57 10.23 16.56
C ILE A 133 -18.83 9.53 17.05
N PRO A 134 -19.34 9.97 18.19
CA PRO A 134 -20.42 9.25 18.88
C PRO A 134 -21.65 9.10 17.99
N SER A 135 -21.96 10.12 17.21
CA SER A 135 -23.13 10.08 16.35
C SER A 135 -22.98 9.00 15.26
N ALA A 136 -21.75 8.74 14.86
CA ALA A 136 -21.48 7.71 13.87
C ALA A 136 -21.55 6.33 14.49
N VAL A 137 -20.98 6.18 15.69
CA VAL A 137 -21.09 4.93 16.43
C VAL A 137 -22.56 4.59 16.68
N THR A 138 -23.33 5.59 17.09
CA THR A 138 -24.74 5.38 17.39
C THR A 138 -25.52 4.92 16.15
N ARG A 139 -25.30 5.61 15.04
CA ARG A 139 -25.93 5.24 13.78
C ARG A 139 -25.83 3.74 13.51
N TYR A 140 -24.63 3.20 13.62
CA TYR A 140 -24.39 1.84 13.17
C TYR A 140 -24.65 0.82 14.28
N LYS A 141 -24.62 1.29 15.52
CA LYS A 141 -25.12 0.52 16.65
C LYS A 141 -26.64 0.30 16.54
N GLU A 142 -27.36 1.35 16.13
N GLU A 142 -27.37 1.35 16.14
CA GLU A 142 -28.79 1.26 15.88
CA GLU A 142 -28.81 1.22 15.90
C GLU A 142 -29.09 0.36 14.70
C GLU A 142 -29.10 0.36 14.68
N GLU A 143 -28.26 0.50 13.65
CA GLU A 143 -28.45 -0.34 12.46
C GLU A 143 -28.23 -1.81 12.77
N ALA A 144 -27.19 -2.10 13.56
CA ALA A 144 -26.91 -3.46 14.00
C ALA A 144 -28.13 -4.07 14.67
N LEU A 145 -28.68 -3.36 15.65
CA LEU A 145 -29.87 -3.82 16.35
C LEU A 145 -31.04 -4.01 15.38
N ARG A 146 -31.14 -3.11 14.41
CA ARG A 146 -32.19 -3.22 13.40
C ARG A 146 -32.09 -4.52 12.59
N VAL A 147 -30.87 -4.89 12.24
CA VAL A 147 -30.63 -6.16 11.55
C VAL A 147 -31.13 -7.34 12.38
N PHE A 148 -30.73 -7.38 13.64
CA PHE A 148 -31.25 -8.37 14.58
C PHE A 148 -32.78 -8.36 14.59
N SER A 149 -33.36 -7.20 14.53
N SER A 149 -33.36 -7.20 14.53
CA SER A 149 -34.81 -7.04 14.55
CA SER A 149 -34.81 -7.05 14.54
C SER A 149 -35.47 -7.68 13.33
C SER A 149 -35.45 -7.72 13.33
N VAL A 150 -34.80 -7.55 12.22
CA VAL A 150 -35.32 -8.14 10.99
C VAL A 150 -35.30 -9.66 11.05
N LEU A 151 -34.17 -10.21 11.47
CA LEU A 151 -34.06 -11.63 11.73
C LEU A 151 -35.14 -12.11 12.70
N GLU A 152 -35.33 -11.35 13.78
CA GLU A 152 -36.29 -11.74 14.81
C GLU A 152 -37.73 -11.72 14.29
N ARG A 153 -38.01 -10.78 13.41
CA ARG A 153 -39.33 -10.63 12.83
C ARG A 153 -39.65 -11.95 12.13
N VAL A 154 -38.65 -12.56 11.53
CA VAL A 154 -38.86 -13.73 10.70
C VAL A 154 -38.72 -15.02 11.51
N LEU A 155 -37.66 -15.11 12.30
CA LEU A 155 -37.29 -16.34 12.97
C LEU A 155 -38.18 -16.64 14.17
N SER A 156 -38.99 -15.66 14.56
CA SER A 156 -39.95 -15.85 15.64
C SER A 156 -41.23 -16.51 15.12
N ASN A 157 -41.31 -16.69 13.80
CA ASN A 157 -42.48 -17.27 13.17
C ASN A 157 -42.18 -18.48 12.29
N GLN A 158 -40.90 -18.75 12.09
CA GLN A 158 -40.47 -19.94 11.36
C GLN A 158 -39.09 -20.36 11.82
N GLU A 159 -38.79 -21.65 11.72
CA GLU A 159 -37.57 -22.20 12.27
C GLU A 159 -36.34 -21.63 11.57
N TRP A 160 -36.34 -21.67 10.24
CA TRP A 160 -35.19 -21.30 9.44
C TRP A 160 -35.59 -20.31 8.38
N LEU A 161 -34.60 -19.66 7.78
CA LEU A 161 -34.87 -18.58 6.84
C LEU A 161 -35.57 -19.07 5.58
N VAL A 162 -35.18 -20.25 5.10
CA VAL A 162 -35.73 -20.76 3.85
C VAL A 162 -35.82 -22.28 3.82
N GLY A 163 -36.90 -22.80 3.26
CA GLY A 163 -36.95 -24.18 2.82
C GLY A 163 -37.12 -25.15 3.97
N GLY A 164 -37.40 -24.62 5.16
CA GLY A 164 -37.79 -25.45 6.29
C GLY A 164 -36.63 -26.21 6.90
N LYS A 165 -35.41 -25.83 6.53
CA LYS A 165 -34.21 -26.45 7.05
C LYS A 165 -33.10 -25.43 7.17
N MET A 166 -32.09 -25.73 7.97
CA MET A 166 -30.88 -24.91 8.03
C MET A 166 -30.15 -24.92 6.69
N THR A 167 -29.84 -23.73 6.18
CA THR A 167 -29.10 -23.64 4.93
C THR A 167 -27.91 -22.67 5.06
N ILE A 168 -27.15 -22.55 3.98
CA ILE A 168 -26.13 -21.53 3.88
C ILE A 168 -26.68 -20.12 4.13
N ALA A 169 -27.98 -19.93 3.89
CA ALA A 169 -28.62 -18.67 4.27
C ALA A 169 -28.47 -18.39 5.75
N ASP A 170 -28.86 -19.35 6.58
CA ASP A 170 -28.74 -19.20 8.03
C ASP A 170 -27.28 -19.13 8.45
N ILE A 171 -26.47 -20.03 7.91
CA ILE A 171 -25.10 -20.19 8.37
C ILE A 171 -24.31 -18.91 8.17
N SER A 172 -24.65 -18.17 7.12
CA SER A 172 -23.87 -17.01 6.70
C SER A 172 -23.83 -15.93 7.77
N PHE A 173 -24.85 -15.91 8.62
CA PHE A 173 -24.99 -14.82 9.60
C PHE A 173 -24.14 -15.05 10.84
N VAL A 174 -23.67 -16.28 11.02
CA VAL A 174 -23.21 -16.73 12.32
C VAL A 174 -21.98 -15.96 12.81
N SER A 175 -20.94 -15.93 11.98
CA SER A 175 -19.66 -15.37 12.43
C SER A 175 -19.79 -13.90 12.86
N TRP A 176 -20.41 -13.09 12.01
CA TRP A 176 -20.59 -11.67 12.33
C TRP A 176 -21.45 -11.47 13.55
N ASN A 177 -22.51 -12.26 13.66
CA ASN A 177 -23.40 -12.17 14.81
C ASN A 177 -22.68 -12.48 16.13
N ASP A 178 -21.87 -13.52 16.15
CA ASP A 178 -21.11 -13.87 17.34
C ASP A 178 -20.06 -12.81 17.67
N MET A 179 -19.47 -12.21 16.65
CA MET A 179 -18.49 -11.17 16.85
C MET A 179 -19.12 -9.90 17.41
N ILE A 180 -20.29 -9.54 16.90
CA ILE A 180 -20.94 -8.29 17.29
C ILE A 180 -21.51 -8.38 18.70
N VAL A 181 -21.99 -9.56 19.08
CA VAL A 181 -22.66 -9.72 20.37
C VAL A 181 -21.66 -9.75 21.52
N HIS A 182 -20.43 -10.16 21.24
CA HIS A 182 -19.35 -10.02 22.18
C HIS A 182 -18.72 -8.66 22.10
N PHE A 183 -18.91 -8.00 20.97
CA PHE A 183 -18.36 -6.67 20.74
C PHE A 183 -19.14 -5.64 21.55
N LEU A 184 -20.44 -5.81 21.63
CA LEU A 184 -21.33 -4.81 22.22
C LEU A 184 -21.38 -4.93 23.74
N ASP A 185 -21.32 -3.79 24.43
CA ASP A 185 -21.33 -3.78 25.89
C ASP A 185 -22.74 -3.83 26.47
N ASN A 186 -22.91 -4.58 27.54
CA ASN A 186 -24.19 -4.67 28.23
C ASN A 186 -25.32 -5.10 27.30
N PHE A 187 -25.02 -6.06 26.44
CA PHE A 187 -25.99 -6.56 25.48
C PHE A 187 -26.34 -8.00 25.80
N ASP A 188 -27.60 -8.24 26.16
CA ASP A 188 -28.07 -9.59 26.41
C ASP A 188 -28.77 -10.15 25.17
N PHE A 189 -28.01 -10.87 24.36
CA PHE A 189 -28.52 -11.42 23.11
C PHE A 189 -29.81 -12.19 23.32
N GLU A 190 -29.79 -13.13 24.27
CA GLU A 190 -30.91 -14.03 24.47
C GLU A 190 -32.15 -13.28 24.96
N LYS A 191 -31.91 -12.27 25.80
CA LYS A 191 -32.97 -11.39 26.26
C LYS A 191 -33.57 -10.48 25.17
N GLU A 192 -32.71 -9.91 24.34
CA GLU A 192 -33.10 -8.88 23.39
C GLU A 192 -33.77 -9.47 22.15
N PHE A 193 -33.21 -10.58 21.67
CA PHE A 193 -33.71 -11.23 20.47
C PHE A 193 -33.74 -12.74 20.64
N PRO A 194 -34.78 -13.23 21.32
CA PRO A 194 -34.77 -14.61 21.82
C PRO A 194 -34.74 -15.63 20.69
N ALA A 195 -35.56 -15.43 19.67
CA ALA A 195 -35.64 -16.38 18.57
C ALA A 195 -34.34 -16.41 17.78
N THR A 196 -33.80 -15.23 17.51
CA THR A 196 -32.55 -15.13 16.77
C THR A 196 -31.40 -15.73 17.58
N ALA A 197 -31.41 -15.51 18.88
CA ALA A 197 -30.34 -16.03 19.73
C ALA A 197 -30.33 -17.56 19.73
N ALA A 198 -31.53 -18.16 19.76
CA ALA A 198 -31.64 -19.61 19.79
C ALA A 198 -31.18 -20.25 18.49
N TRP A 199 -31.60 -19.60 17.41
CA TRP A 199 -31.18 -19.92 16.07
C TRP A 199 -29.70 -19.77 15.97
N HIS A 200 -29.14 -18.70 16.54
CA HIS A 200 -27.70 -18.50 16.52
C HIS A 200 -26.98 -19.61 17.23
N TYR A 201 -27.32 -19.83 18.50
CA TYR A 201 -26.56 -20.76 19.32
C TYR A 201 -26.76 -22.21 18.91
N LYS A 202 -27.89 -22.50 18.27
CA LYS A 202 -28.12 -23.81 17.70
C LYS A 202 -27.08 -24.16 16.65
N MET A 203 -26.80 -23.20 15.77
CA MET A 203 -25.82 -23.43 14.72
C MET A 203 -24.40 -23.51 15.29
N LEU A 204 -24.12 -22.66 16.26
CA LEU A 204 -22.78 -22.56 16.83
C LEU A 204 -22.42 -23.82 17.62
N LYS A 205 -23.43 -24.57 18.02
CA LYS A 205 -23.24 -25.83 18.74
C LYS A 205 -22.90 -26.98 17.80
N ARG A 206 -23.15 -26.79 16.51
CA ARG A 206 -22.77 -27.77 15.51
C ARG A 206 -21.25 -27.94 15.47
N PRO A 207 -20.78 -29.17 15.61
CA PRO A 207 -19.33 -29.43 15.64
C PRO A 207 -18.65 -28.90 14.38
N THR A 208 -19.36 -28.93 13.25
CA THR A 208 -18.82 -28.47 11.98
C THR A 208 -18.60 -26.97 11.97
N ILE A 209 -19.33 -26.26 12.82
CA ILE A 209 -19.20 -24.81 12.91
C ILE A 209 -18.32 -24.43 14.10
N LYS A 210 -18.47 -25.15 15.19
CA LYS A 210 -17.66 -24.91 16.38
C LYS A 210 -16.18 -25.13 16.11
N ARG A 211 -15.86 -26.09 15.24
CA ARG A 211 -14.46 -26.42 14.98
C ARG A 211 -13.69 -25.23 14.42
N PRO A 212 -14.15 -24.66 13.32
CA PRO A 212 -13.49 -23.49 12.74
C PRO A 212 -13.53 -22.30 13.69
N TRP A 213 -14.64 -22.12 14.41
CA TRP A 213 -14.75 -20.98 15.30
C TRP A 213 -13.81 -21.10 16.46
N ASP A 214 -13.62 -22.32 16.96
CA ASP A 214 -12.61 -22.57 17.98
C ASP A 214 -11.21 -22.25 17.49
N GLU A 215 -10.93 -22.58 16.23
CA GLU A 215 -9.64 -22.28 15.64
C GLU A 215 -9.41 -20.78 15.53
N ARG A 216 -10.45 -20.04 15.17
CA ARG A 216 -10.37 -18.58 15.18
C ARG A 216 -9.99 -18.07 16.58
N ARG A 217 -10.68 -18.57 17.60
CA ARG A 217 -10.44 -18.11 18.95
C ARG A 217 -9.00 -18.41 19.39
N LYS A 218 -8.52 -19.60 19.03
CA LYS A 218 -7.14 -19.97 19.26
C LYS A 218 -6.19 -18.96 18.61
N LEU A 219 -6.41 -18.71 17.32
CA LEU A 219 -5.56 -17.77 16.58
C LEU A 219 -5.63 -16.36 17.15
N MET A 220 -6.78 -16.00 17.70
CA MET A 220 -7.01 -14.63 18.16
C MET A 220 -6.42 -14.42 19.56
N SER A 221 -5.99 -15.50 20.19
CA SER A 221 -5.66 -15.47 21.61
C SER A 221 -4.18 -15.24 21.86
N ARG A 222 -3.84 -14.88 23.10
CA ARG A 222 -2.45 -14.65 23.49
C ARG A 222 -1.60 -15.90 23.29
N SER B 3 0.67 29.73 -1.51
CA SER B 3 -0.56 28.94 -1.51
C SER B 3 -0.95 28.55 -0.10
N HIS B 4 -0.33 27.50 0.43
CA HIS B 4 -0.79 26.87 1.64
C HIS B 4 -0.18 27.51 2.84
N ASP B 5 -0.61 27.09 4.02
CA ASP B 5 -0.09 27.64 5.26
C ASP B 5 0.54 26.56 6.14
N LYS B 6 1.04 25.51 5.49
CA LYS B 6 1.88 24.53 6.17
C LYS B 6 3.31 25.02 6.27
N GLN B 7 4.04 24.55 7.28
CA GLN B 7 5.41 25.03 7.50
C GLN B 7 6.35 24.54 6.40
N PHE B 8 6.11 23.33 5.91
CA PHE B 8 6.96 22.72 4.89
C PHE B 8 6.20 22.50 3.59
N SER B 9 6.88 22.76 2.48
CA SER B 9 6.56 22.10 1.22
C SER B 9 7.46 20.90 1.00
N LEU B 10 6.86 19.73 0.87
CA LEU B 10 7.58 18.52 0.55
C LEU B 10 7.34 18.12 -0.90
N PHE B 11 8.38 18.24 -1.72
CA PHE B 11 8.31 17.84 -3.11
C PHE B 11 8.75 16.38 -3.28
N LEU B 12 7.86 15.55 -3.80
CA LEU B 12 8.13 14.13 -3.92
C LEU B 12 7.40 13.47 -5.10
N HIS B 13 7.93 12.34 -5.54
CA HIS B 13 7.25 11.50 -6.50
C HIS B 13 6.59 10.33 -5.82
N LYS B 14 5.34 10.08 -6.13
CA LYS B 14 4.51 9.23 -5.28
C LYS B 14 5.11 7.84 -5.11
N ALA B 15 5.80 7.37 -6.14
CA ALA B 15 6.25 5.98 -6.18
C ALA B 15 7.57 5.78 -5.43
N SER B 16 8.26 6.89 -5.17
CA SER B 16 9.60 6.82 -4.60
C SER B 16 9.56 6.58 -3.11
N ALA B 17 10.60 5.95 -2.57
CA ALA B 17 10.66 5.65 -1.15
C ALA B 17 11.02 6.89 -0.33
N HIS B 18 11.60 7.89 -1.00
CA HIS B 18 12.47 8.82 -0.32
C HIS B 18 11.72 9.95 0.30
N GLY B 19 10.72 10.45 -0.41
CA GLY B 19 9.91 11.55 0.09
C GLY B 19 9.06 11.15 1.27
N TRP B 20 8.49 9.96 1.21
CA TRP B 20 7.61 9.47 2.25
C TRP B 20 8.37 9.29 3.53
N LYS B 21 9.63 8.89 3.42
CA LYS B 21 10.52 8.84 4.57
C LYS B 21 10.53 10.15 5.34
N VAL B 22 10.63 11.26 4.60
CA VAL B 22 10.66 12.57 5.24
C VAL B 22 9.32 12.88 5.88
N ALA B 23 8.25 12.50 5.18
CA ALA B 23 6.90 12.65 5.71
C ALA B 23 6.74 11.93 7.05
N PHE B 24 7.16 10.67 7.11
CA PHE B 24 7.19 9.93 8.37
C PHE B 24 7.72 10.82 9.49
N VAL B 25 8.88 11.41 9.26
CA VAL B 25 9.57 12.16 10.32
C VAL B 25 8.83 13.45 10.64
N LEU B 26 8.29 14.10 9.62
CA LEU B 26 7.49 15.30 9.83
C LEU B 26 6.27 14.99 10.70
N GLU B 27 5.58 13.91 10.38
CA GLU B 27 4.47 13.45 11.21
C GLU B 27 4.90 13.20 12.65
N GLU B 28 6.02 12.50 12.83
CA GLU B 28 6.46 12.12 14.17
C GLU B 28 6.72 13.36 15.03
N LEU B 29 7.04 14.48 14.38
CA LEU B 29 7.39 15.69 15.09
C LEU B 29 6.24 16.71 15.05
N SER B 30 5.07 16.25 14.60
CA SER B 30 3.89 17.10 14.52
C SER B 30 4.14 18.38 13.72
N LEU B 31 4.97 18.29 12.69
CA LEU B 31 5.24 19.43 11.82
C LEU B 31 4.31 19.42 10.61
N SER B 32 3.68 20.55 10.35
CA SER B 32 2.72 20.65 9.26
C SER B 32 3.45 20.75 7.93
N TYR B 33 2.95 20.02 6.94
CA TYR B 33 3.57 20.03 5.62
C TYR B 33 2.54 19.87 4.52
N GLU B 34 2.89 20.37 3.33
CA GLU B 34 2.08 20.14 2.14
C GLU B 34 2.87 19.34 1.13
N ILE B 35 2.36 18.19 0.75
CA ILE B 35 2.98 17.39 -0.29
C ILE B 35 2.74 18.02 -1.66
N VAL B 36 3.81 18.22 -2.41
CA VAL B 36 3.74 18.74 -3.76
C VAL B 36 4.28 17.70 -4.72
N LEU B 37 3.39 17.08 -5.50
CA LEU B 37 3.77 15.96 -6.32
C LEU B 37 4.63 16.45 -7.48
N VAL B 38 5.77 15.79 -7.66
CA VAL B 38 6.61 16.02 -8.83
C VAL B 38 6.66 14.73 -9.65
N ASP B 39 6.03 14.76 -10.82
CA ASP B 39 5.71 13.52 -11.52
C ASP B 39 6.86 13.08 -12.41
N VAL B 40 7.63 12.11 -11.92
CA VAL B 40 8.79 11.61 -12.64
C VAL B 40 8.40 10.95 -13.97
N ALA B 41 7.17 10.44 -14.02
CA ALA B 41 6.65 9.84 -15.25
C ALA B 41 6.46 10.88 -16.34
N LYS B 42 6.34 12.14 -15.94
CA LYS B 42 6.28 13.25 -16.88
C LYS B 42 7.57 14.06 -16.88
N ASN B 43 8.63 13.53 -16.40
N ASN B 43 8.64 13.52 -16.44
CA ASN B 43 9.95 14.17 -16.43
CA ASN B 43 9.95 14.17 -16.43
C ASN B 43 9.98 15.50 -15.68
C ASN B 43 9.98 15.50 -15.68
N GLU B 44 9.13 15.66 -14.73
CA GLU B 44 8.97 16.93 -14.02
C GLU B 44 10.13 17.22 -13.08
N GLN B 45 10.89 16.19 -12.74
CA GLN B 45 12.07 16.37 -11.89
C GLN B 45 13.21 17.04 -12.66
N LYS B 46 13.06 17.12 -13.97
CA LYS B 46 14.07 17.75 -14.82
C LYS B 46 13.60 19.11 -15.34
N SER B 47 12.42 19.54 -14.88
CA SER B 47 11.92 20.86 -15.21
C SER B 47 12.79 21.96 -14.61
N PRO B 48 12.91 23.08 -15.32
CA PRO B 48 13.73 24.20 -14.85
C PRO B 48 13.32 24.66 -13.47
N GLU B 49 12.03 24.51 -13.15
CA GLU B 49 11.50 25.03 -11.91
C GLU B 49 11.95 24.16 -10.73
N PHE B 50 11.95 22.85 -10.91
CA PHE B 50 12.37 21.96 -9.84
C PHE B 50 13.88 21.94 -9.69
N MET B 51 14.59 22.11 -10.81
CA MET B 51 16.05 22.07 -10.77
C MET B 51 16.63 23.33 -10.13
N LYS B 52 15.83 24.39 -10.06
CA LYS B 52 16.15 25.53 -9.22
C LYS B 52 16.23 25.13 -7.74
N LEU B 53 15.40 24.16 -7.35
CA LEU B 53 15.42 23.63 -6.00
C LEU B 53 16.51 22.58 -5.82
N ASN B 54 16.63 21.68 -6.78
CA ASN B 54 17.63 20.63 -6.74
C ASN B 54 18.37 20.49 -8.06
N PRO B 55 19.63 20.92 -8.08
CA PRO B 55 20.44 20.87 -9.31
C PRO B 55 20.67 19.43 -9.77
N ASN B 56 20.47 18.48 -8.89
CA ASN B 56 20.51 17.06 -9.26
C ASN B 56 19.33 16.64 -10.11
N GLY B 57 18.24 17.39 -10.00
CA GLY B 57 17.02 17.05 -10.72
C GLY B 57 16.50 15.67 -10.37
N ARG B 58 16.55 15.33 -9.09
CA ARG B 58 15.80 14.21 -8.56
C ARG B 58 14.97 14.63 -7.35
N THR B 59 13.86 13.93 -7.14
CA THR B 59 13.07 14.11 -5.93
C THR B 59 13.62 13.25 -4.79
N PRO B 60 13.45 13.69 -3.55
CA PRO B 60 12.58 14.81 -3.21
C PRO B 60 13.36 16.08 -2.93
N ALA B 61 12.63 17.14 -2.54
CA ALA B 61 13.24 18.34 -1.98
C ALA B 61 12.30 18.99 -0.99
N LEU B 62 12.83 19.94 -0.21
CA LEU B 62 12.11 20.47 0.94
C LEU B 62 12.29 21.98 1.00
N ILE B 63 11.21 22.70 1.26
CA ILE B 63 11.31 24.11 1.66
C ILE B 63 10.73 24.34 3.05
N ASP B 64 11.55 24.92 3.93
CA ASP B 64 11.11 25.22 5.28
C ASP B 64 10.66 26.67 5.38
N HIS B 65 9.36 26.89 5.19
CA HIS B 65 8.81 28.23 5.23
C HIS B 65 8.86 28.82 6.61
N GLY B 66 9.14 27.97 7.59
CA GLY B 66 9.39 28.44 8.95
C GLY B 66 10.83 28.86 9.18
N ASN B 67 11.66 28.69 8.16
CA ASN B 67 13.03 29.19 8.20
C ASN B 67 13.40 29.91 6.90
N SER B 68 12.69 30.99 6.63
CA SER B 68 12.97 31.84 5.48
C SER B 68 13.07 31.03 4.19
N ASP B 69 12.20 30.05 4.04
CA ASP B 69 12.11 29.27 2.81
C ASP B 69 13.45 28.59 2.52
N PHE B 70 14.08 28.10 3.57
CA PHE B 70 15.27 27.28 3.46
C PHE B 70 15.02 26.07 2.56
N VAL B 71 15.85 25.92 1.53
CA VAL B 71 15.75 24.78 0.63
C VAL B 71 16.83 23.74 0.91
N ILE B 72 16.43 22.47 0.91
CA ILE B 72 17.38 21.37 1.07
C ILE B 72 16.87 20.12 0.38
N TRP B 73 17.78 19.39 -0.26
CA TRP B 73 17.46 18.12 -0.88
C TRP B 73 18.37 17.02 -0.42
N GLU B 74 18.20 15.84 -0.98
CA GLU B 74 18.79 14.60 -0.47
C GLU B 74 17.98 14.20 0.76
N SER B 75 17.21 13.11 0.66
CA SER B 75 16.20 12.79 1.65
C SER B 75 16.80 12.58 3.04
N ASN B 76 18.00 12.03 3.11
CA ASN B 76 18.68 11.82 4.38
C ASN B 76 19.07 13.13 5.07
N ALA B 77 19.43 14.11 4.27
CA ALA B 77 19.85 15.41 4.80
C ALA B 77 18.63 16.20 5.25
N MET B 78 17.56 16.12 4.46
CA MET B 78 16.28 16.66 4.85
C MET B 78 15.83 16.12 6.21
N VAL B 79 15.88 14.80 6.37
CA VAL B 79 15.58 14.19 7.65
C VAL B 79 16.45 14.77 8.77
N GLN B 80 17.76 14.76 8.58
CA GLN B 80 18.68 15.25 9.59
C GLN B 80 18.36 16.70 9.97
N TYR B 81 18.13 17.53 8.96
CA TYR B 81 17.77 18.93 9.19
C TYR B 81 16.52 19.05 10.06
N VAL B 82 15.45 18.38 9.66
CA VAL B 82 14.19 18.46 10.37
C VAL B 82 14.32 18.00 11.81
N ALA B 83 14.98 16.86 12.00
CA ALA B 83 15.17 16.29 13.33
C ALA B 83 16.02 17.19 14.21
N ASP B 84 17.17 17.61 13.69
CA ASP B 84 18.13 18.36 14.50
C ASP B 84 17.52 19.68 14.96
N LYS B 85 16.85 20.37 14.07
CA LYS B 85 16.33 21.71 14.36
C LYS B 85 15.06 21.66 15.20
N TYR B 86 14.23 20.63 15.00
CA TYR B 86 12.86 20.65 15.48
C TYR B 86 12.53 19.57 16.52
N ASP B 87 13.34 18.52 16.58
CA ASP B 87 13.15 17.50 17.61
C ASP B 87 13.86 17.88 18.91
N THR B 88 13.46 19.02 19.48
CA THR B 88 14.17 19.58 20.62
C THR B 88 14.05 18.73 21.87
N GLU B 89 12.96 17.97 21.97
CA GLU B 89 12.78 17.03 23.07
C GLU B 89 13.48 15.71 22.78
N ARG B 90 14.07 15.60 21.61
CA ARG B 90 14.73 14.37 21.19
C ARG B 90 13.83 13.17 21.36
N LYS B 91 12.61 13.27 20.85
CA LYS B 91 11.66 12.16 20.87
C LYS B 91 12.19 10.97 20.06
N ILE B 92 12.63 11.28 18.85
CA ILE B 92 13.04 10.27 17.87
C ILE B 92 14.43 10.48 17.27
N SER B 93 15.32 11.15 18.01
CA SER B 93 16.63 11.49 17.48
C SER B 93 17.65 11.62 18.60
N MET B 94 18.91 11.35 18.26
CA MET B 94 20.02 11.54 19.18
C MET B 94 20.46 13.00 19.21
N ALA B 95 20.91 13.44 20.38
CA ALA B 95 21.30 14.82 20.56
C ALA B 95 22.56 15.12 19.74
N PRO B 96 22.51 16.20 18.97
CA PRO B 96 23.72 16.73 18.32
C PRO B 96 24.86 16.91 19.32
N GLY B 97 26.10 16.71 18.86
CA GLY B 97 27.27 16.94 19.68
C GLY B 97 27.57 15.79 20.62
N THR B 98 26.94 14.66 20.35
CA THR B 98 27.24 13.42 21.07
C THR B 98 27.72 12.33 20.12
N ASP B 99 28.44 11.35 20.68
CA ASP B 99 28.94 10.23 19.90
C ASP B 99 27.80 9.45 19.25
N ASP B 100 26.70 9.29 19.95
CA ASP B 100 25.55 8.55 19.44
C ASP B 100 24.96 9.21 18.20
N PHE B 101 25.12 10.52 18.09
CA PHE B 101 24.66 11.25 16.91
C PHE B 101 25.34 10.69 15.66
N TYR B 102 26.59 10.31 15.80
CA TYR B 102 27.36 9.87 14.64
C TYR B 102 27.17 8.39 14.32
N ILE B 103 26.87 7.59 15.33
CA ILE B 103 26.30 6.28 15.10
C ILE B 103 24.95 6.38 14.37
N GLN B 104 24.13 7.34 14.79
CA GLN B 104 22.87 7.61 14.11
C GLN B 104 23.11 7.98 12.65
N LEU B 105 24.10 8.81 12.43
CA LEU B 105 24.48 9.23 11.08
C LEU B 105 24.99 8.05 10.28
N GLN B 106 25.91 7.30 10.86
CA GLN B 106 26.37 6.05 10.29
C GLN B 106 25.24 5.23 9.67
N TRP B 107 24.19 4.98 10.45
CA TRP B 107 23.12 4.13 10.01
C TRP B 107 22.32 4.75 8.90
N GLN B 108 22.15 6.07 8.96
CA GLN B 108 21.45 6.79 7.90
C GLN B 108 22.21 6.73 6.58
N TYR B 109 23.54 6.76 6.65
CA TYR B 109 24.35 6.58 5.46
C TYR B 109 24.26 5.15 4.92
N PHE B 110 24.14 4.17 5.81
CA PHE B 110 23.91 2.81 5.36
C PHE B 110 22.59 2.74 4.60
N GLN B 111 21.57 3.39 5.14
CA GLN B 111 20.28 3.46 4.47
C GLN B 111 20.42 4.12 3.10
N GLY B 112 21.03 5.30 3.07
CA GLY B 112 21.09 6.10 1.86
C GLY B 112 22.03 5.57 0.79
N THR B 113 23.13 4.95 1.22
CA THR B 113 24.16 4.51 0.30
C THR B 113 24.12 3.00 0.07
N GLY B 114 23.55 2.29 1.04
CA GLY B 114 23.55 0.83 1.06
C GLY B 114 22.23 0.16 0.71
N GLN B 115 21.13 0.68 1.25
CA GLN B 115 19.82 0.15 0.93
C GLN B 115 19.29 0.77 -0.36
N GLY B 116 19.14 2.08 -0.36
CA GLY B 116 18.44 2.78 -1.42
C GLY B 116 18.94 2.42 -2.81
N PRO B 117 20.22 2.67 -3.06
CA PRO B 117 20.76 2.54 -4.41
C PRO B 117 20.68 1.11 -4.93
N TYR B 118 20.92 0.13 -4.05
CA TYR B 118 20.93 -1.27 -4.46
C TYR B 118 19.52 -1.84 -4.63
N PHE B 119 18.62 -1.48 -3.71
CA PHE B 119 17.21 -1.73 -3.92
C PHE B 119 16.75 -1.15 -5.25
N GLY B 120 17.20 0.06 -5.55
CA GLY B 120 16.84 0.74 -6.77
C GLY B 120 17.29 0.00 -8.02
N GLN B 121 18.50 -0.54 -7.99
CA GLN B 121 19.03 -1.25 -9.15
C GLN B 121 18.25 -2.53 -9.40
N LEU B 122 17.78 -3.16 -8.33
CA LEU B 122 16.92 -4.34 -8.45
C LEU B 122 15.63 -3.99 -9.17
N VAL B 123 14.97 -2.93 -8.71
CA VAL B 123 13.77 -2.45 -9.37
C VAL B 123 14.09 -2.09 -10.82
N TRP B 124 15.22 -1.42 -11.03
CA TRP B 124 15.57 -0.98 -12.35
C TRP B 124 15.67 -2.13 -13.32
N PHE B 125 16.46 -3.14 -12.96
CA PHE B 125 16.74 -4.23 -13.88
C PHE B 125 15.56 -5.18 -14.00
N THR B 126 14.62 -5.08 -13.07
CA THR B 126 13.39 -5.85 -13.15
C THR B 126 12.38 -5.21 -14.09
N LEU B 127 12.24 -3.89 -13.99
CA LEU B 127 11.10 -3.19 -14.57
C LEU B 127 11.47 -2.32 -15.77
N TYR B 128 12.68 -1.76 -15.77
CA TYR B 128 12.93 -0.52 -16.50
C TYR B 128 14.05 -0.63 -17.53
N HIS B 129 14.99 -1.55 -17.32
CA HIS B 129 16.13 -1.66 -18.20
C HIS B 129 15.70 -2.10 -19.58
N GLU B 130 16.49 -1.72 -20.58
CA GLU B 130 16.07 -1.86 -21.97
C GLU B 130 16.09 -3.31 -22.45
N GLU B 131 16.77 -4.17 -21.71
CA GLU B 131 16.73 -5.60 -21.96
C GLU B 131 16.72 -6.37 -20.64
N LYS B 132 16.23 -7.59 -20.66
CA LYS B 132 16.20 -8.42 -19.46
C LYS B 132 17.55 -9.08 -19.25
N ILE B 133 18.15 -8.84 -18.08
CA ILE B 133 19.43 -9.42 -17.72
C ILE B 133 19.31 -10.21 -16.42
N PRO B 134 19.11 -11.51 -16.54
CA PRO B 134 18.87 -12.35 -15.37
C PRO B 134 19.97 -12.23 -14.32
N SER B 135 21.22 -12.17 -14.76
CA SER B 135 22.34 -12.08 -13.83
C SER B 135 22.36 -10.75 -13.07
N ALA B 136 21.92 -9.69 -13.74
CA ALA B 136 21.79 -8.39 -13.09
C ALA B 136 20.67 -8.38 -12.06
N VAL B 137 19.51 -8.92 -12.42
CA VAL B 137 18.43 -9.09 -11.47
C VAL B 137 18.89 -9.90 -10.27
N THR B 138 19.61 -10.98 -10.52
CA THR B 138 20.10 -11.84 -9.46
C THR B 138 21.06 -11.10 -8.54
N ARG B 139 21.99 -10.34 -9.13
CA ARG B 139 22.95 -9.58 -8.35
C ARG B 139 22.27 -8.77 -7.26
N TYR B 140 21.21 -8.05 -7.62
CA TYR B 140 20.62 -7.06 -6.73
C TYR B 140 19.53 -7.62 -5.82
N LYS B 141 18.90 -8.71 -6.25
CA LYS B 141 18.16 -9.56 -5.32
C LYS B 141 19.06 -10.02 -4.18
N GLU B 142 20.19 -10.62 -4.53
CA GLU B 142 21.14 -11.08 -3.54
C GLU B 142 21.57 -9.94 -2.63
N GLU B 143 21.85 -8.78 -3.20
CA GLU B 143 22.32 -7.65 -2.42
C GLU B 143 21.22 -7.16 -1.48
N ALA B 144 19.99 -7.13 -1.98
CA ALA B 144 18.85 -6.78 -1.14
C ALA B 144 18.77 -7.69 0.07
N LEU B 145 18.87 -8.99 -0.17
CA LEU B 145 18.86 -9.97 0.90
C LEU B 145 20.03 -9.74 1.86
N ARG B 146 21.19 -9.43 1.31
CA ARG B 146 22.37 -9.12 2.12
C ARG B 146 22.09 -7.96 3.07
N VAL B 147 21.49 -6.90 2.53
CA VAL B 147 21.12 -5.75 3.36
C VAL B 147 20.21 -6.14 4.52
N PHE B 148 19.23 -6.99 4.23
CA PHE B 148 18.40 -7.55 5.30
C PHE B 148 19.22 -8.29 6.33
N SER B 149 20.20 -9.06 5.87
CA SER B 149 21.02 -9.86 6.78
C SER B 149 21.87 -8.97 7.69
N VAL B 150 22.21 -7.79 7.21
CA VAL B 150 22.96 -6.83 8.01
C VAL B 150 22.11 -6.27 9.14
N LEU B 151 20.91 -5.82 8.78
CA LEU B 151 19.96 -5.36 9.78
C LEU B 151 19.65 -6.46 10.80
N GLU B 152 19.41 -7.66 10.30
CA GLU B 152 19.06 -8.78 11.17
C GLU B 152 20.17 -9.09 12.14
N ARG B 153 21.41 -9.05 11.65
CA ARG B 153 22.57 -9.26 12.50
C ARG B 153 22.54 -8.36 13.73
N VAL B 154 22.20 -7.10 13.52
CA VAL B 154 22.17 -6.12 14.60
C VAL B 154 20.88 -6.23 15.41
N LEU B 155 19.75 -6.24 14.73
CA LEU B 155 18.46 -6.08 15.40
C LEU B 155 18.05 -7.34 16.17
N SER B 156 18.72 -8.46 15.89
CA SER B 156 18.48 -9.68 16.64
C SER B 156 19.11 -9.62 18.03
N ASN B 157 19.99 -8.65 18.23
CA ASN B 157 20.70 -8.52 19.50
C ASN B 157 20.45 -7.18 20.20
N GLN B 158 19.73 -6.29 19.54
CA GLN B 158 19.27 -5.07 20.18
C GLN B 158 17.98 -4.55 19.57
N GLU B 159 17.22 -3.80 20.36
CA GLU B 159 15.88 -3.40 19.97
C GLU B 159 15.92 -2.43 18.79
N TRP B 160 16.81 -1.45 18.87
CA TRP B 160 16.87 -0.37 17.93
C TRP B 160 18.28 -0.09 17.54
N LEU B 161 18.46 0.64 16.45
CA LEU B 161 19.78 0.78 15.84
C LEU B 161 20.72 1.60 16.70
N VAL B 162 20.19 2.59 17.40
CA VAL B 162 21.01 3.46 18.24
C VAL B 162 20.22 4.05 19.40
N GLY B 163 20.86 4.13 20.55
CA GLY B 163 20.40 5.00 21.62
C GLY B 163 19.27 4.40 22.44
N GLY B 164 18.92 3.15 22.13
CA GLY B 164 17.97 2.41 22.94
C GLY B 164 16.53 2.80 22.66
N LYS B 165 16.29 3.47 21.54
CA LYS B 165 14.96 3.93 21.18
C LYS B 165 14.84 4.07 19.68
N MET B 166 13.60 4.08 19.18
CA MET B 166 13.36 4.35 17.77
C MET B 166 13.81 5.76 17.40
N THR B 167 14.64 5.86 16.37
CA THR B 167 15.09 7.16 15.88
C THR B 167 14.89 7.28 14.38
N ILE B 168 15.28 8.43 13.84
CA ILE B 168 15.32 8.61 12.39
C ILE B 168 16.19 7.54 11.71
N ALA B 169 17.10 6.94 12.46
CA ALA B 169 17.93 5.86 11.93
C ALA B 169 17.08 4.67 11.54
N ASP B 170 16.24 4.22 12.46
CA ASP B 170 15.32 3.11 12.19
C ASP B 170 14.30 3.51 11.14
N ILE B 171 13.67 4.66 11.34
CA ILE B 171 12.53 5.06 10.51
C ILE B 171 12.92 5.14 9.05
N SER B 172 14.18 5.51 8.79
CA SER B 172 14.63 5.76 7.42
C SER B 172 14.51 4.53 6.51
N PHE B 173 14.60 3.35 7.11
CA PHE B 173 14.61 2.11 6.33
C PHE B 173 13.22 1.68 5.87
N VAL B 174 12.19 2.23 6.51
CA VAL B 174 10.86 1.64 6.43
C VAL B 174 10.31 1.61 5.01
N SER B 175 10.34 2.74 4.32
CA SER B 175 9.66 2.84 3.04
C SER B 175 10.25 1.88 1.99
N TRP B 176 11.57 1.88 1.84
CA TRP B 176 12.21 0.98 0.90
C TRP B 176 12.01 -0.45 1.27
N ASN B 177 12.08 -0.76 2.56
CA ASN B 177 11.88 -2.13 3.01
C ASN B 177 10.50 -2.66 2.66
N ASP B 178 9.47 -1.85 2.89
CA ASP B 178 8.11 -2.27 2.58
C ASP B 178 7.93 -2.43 1.07
N MET B 179 8.54 -1.55 0.30
CA MET B 179 8.45 -1.62 -1.14
C MET B 179 9.16 -2.86 -1.70
N ILE B 180 10.32 -3.19 -1.16
CA ILE B 180 11.12 -4.27 -1.73
C ILE B 180 10.56 -5.64 -1.43
N VAL B 181 9.85 -5.77 -0.31
CA VAL B 181 9.31 -7.07 0.11
C VAL B 181 8.01 -7.40 -0.60
N HIS B 182 7.28 -6.37 -1.02
CA HIS B 182 6.16 -6.56 -1.91
C HIS B 182 6.63 -6.76 -3.32
N PHE B 183 7.76 -6.14 -3.65
CA PHE B 183 8.41 -6.36 -4.92
C PHE B 183 8.83 -7.82 -5.08
N LEU B 184 9.55 -8.33 -4.09
CA LEU B 184 10.07 -9.70 -4.13
C LEU B 184 8.95 -10.75 -4.18
N ASP B 185 9.05 -11.69 -5.11
CA ASP B 185 8.18 -12.85 -5.15
C ASP B 185 8.72 -13.96 -4.23
N ASN B 186 7.80 -14.74 -3.64
CA ASN B 186 8.19 -15.96 -2.96
C ASN B 186 8.90 -15.68 -1.64
N PHE B 187 8.55 -14.57 -1.01
CA PHE B 187 9.37 -14.01 0.07
C PHE B 187 8.53 -13.76 1.32
N ASP B 188 8.82 -14.52 2.37
CA ASP B 188 8.19 -14.32 3.66
C ASP B 188 9.09 -13.52 4.59
N PHE B 189 8.79 -12.23 4.75
CA PHE B 189 9.66 -11.32 5.46
C PHE B 189 9.93 -11.83 6.88
N GLU B 190 8.86 -12.08 7.63
CA GLU B 190 8.97 -12.53 9.02
C GLU B 190 9.74 -13.85 9.11
N LYS B 191 9.53 -14.72 8.13
CA LYS B 191 10.23 -15.99 8.08
C LYS B 191 11.73 -15.78 7.90
N GLU B 192 12.10 -15.00 6.90
CA GLU B 192 13.50 -14.92 6.47
C GLU B 192 14.33 -14.07 7.42
N PHE B 193 13.72 -13.04 7.97
CA PHE B 193 14.42 -12.09 8.82
C PHE B 193 13.54 -11.62 9.97
N PRO B 194 13.37 -12.47 10.98
CA PRO B 194 12.33 -12.28 11.99
C PRO B 194 12.50 -10.97 12.77
N ALA B 195 13.74 -10.63 13.12
CA ALA B 195 14.00 -9.45 13.93
C ALA B 195 13.72 -8.18 13.15
N THR B 196 14.18 -8.16 11.90
CA THR B 196 13.99 -7.00 11.04
C THR B 196 12.51 -6.79 10.71
N ALA B 197 11.79 -7.88 10.51
CA ALA B 197 10.37 -7.82 10.20
C ALA B 197 9.56 -7.19 11.33
N ALA B 198 9.80 -7.65 12.56
CA ALA B 198 9.06 -7.16 13.71
C ALA B 198 9.33 -5.68 13.95
N TRP B 199 10.60 -5.33 13.82
CA TRP B 199 11.06 -3.97 13.88
C TRP B 199 10.40 -3.18 12.79
N HIS B 200 10.29 -3.77 11.60
CA HIS B 200 9.66 -3.08 10.47
C HIS B 200 8.21 -2.81 10.72
N TYR B 201 7.47 -3.83 11.16
CA TYR B 201 6.03 -3.73 11.22
C TYR B 201 5.58 -2.97 12.46
N LYS B 202 6.38 -3.03 13.52
CA LYS B 202 6.17 -2.18 14.68
C LYS B 202 6.14 -0.71 14.31
N MET B 203 7.04 -0.28 13.43
CA MET B 203 7.08 1.10 13.00
C MET B 203 5.94 1.40 12.03
N LEU B 204 5.67 0.45 11.15
CA LEU B 204 4.71 0.66 10.07
C LEU B 204 3.29 0.74 10.61
N LYS B 205 3.10 0.31 11.85
CA LYS B 205 1.78 0.34 12.49
C LYS B 205 1.50 1.68 13.17
N ARG B 206 2.55 2.44 13.43
CA ARG B 206 2.40 3.77 14.02
C ARG B 206 1.56 4.66 13.12
N PRO B 207 0.56 5.32 13.71
CA PRO B 207 -0.29 6.24 12.95
C PRO B 207 0.53 7.27 12.18
N THR B 208 1.63 7.73 12.78
CA THR B 208 2.47 8.75 12.18
C THR B 208 3.15 8.24 10.92
N ILE B 209 3.25 6.93 10.80
CA ILE B 209 3.89 6.31 9.65
C ILE B 209 2.86 5.66 8.73
N LYS B 210 1.85 5.02 9.32
CA LYS B 210 0.75 4.45 8.56
C LYS B 210 0.06 5.50 7.68
N ARG B 211 -0.20 6.66 8.25
CA ARG B 211 -0.98 7.68 7.56
C ARG B 211 -0.40 8.03 6.19
N PRO B 212 0.86 8.46 6.17
CA PRO B 212 1.50 8.83 4.91
C PRO B 212 1.59 7.63 3.97
N TRP B 213 1.86 6.46 4.52
CA TRP B 213 2.02 5.28 3.71
C TRP B 213 0.70 4.89 3.10
N ASP B 214 -0.37 5.07 3.86
CA ASP B 214 -1.71 4.87 3.34
C ASP B 214 -2.01 5.84 2.19
N GLU B 215 -1.55 7.07 2.34
CA GLU B 215 -1.70 8.06 1.28
C GLU B 215 -0.97 7.63 0.02
N ARG B 216 0.25 7.14 0.17
CA ARG B 216 1.00 6.64 -0.99
C ARG B 216 0.19 5.58 -1.74
N ARG B 217 -0.32 4.60 -1.02
CA ARG B 217 -1.05 3.50 -1.64
C ARG B 217 -2.26 4.02 -2.40
N LYS B 218 -2.95 4.99 -1.80
CA LYS B 218 -4.05 5.67 -2.48
C LYS B 218 -3.60 6.31 -3.77
N LEU B 219 -2.59 7.17 -3.68
CA LEU B 219 -2.05 7.86 -4.85
C LEU B 219 -1.61 6.88 -5.93
N MET B 220 -1.06 5.75 -5.51
CA MET B 220 -0.52 4.77 -6.46
C MET B 220 -1.63 4.06 -7.21
N SER B 221 -2.87 4.23 -6.73
CA SER B 221 -4.02 3.60 -7.36
C SER B 221 -4.76 4.56 -8.28
N ARG B 222 -4.13 5.70 -8.55
CA ARG B 222 -4.74 6.78 -9.33
C ARG B 222 -3.88 7.18 -10.52
N GLN B 223 -4.52 7.72 -11.56
CA GLN B 223 -3.91 7.80 -12.88
C GLN B 223 -2.92 8.95 -12.93
N ALA C 2 -51.04 -6.64 -10.41
CA ALA C 2 -52.41 -6.54 -9.94
C ALA C 2 -52.87 -5.08 -9.90
N SER C 3 -53.96 -4.80 -10.59
CA SER C 3 -54.36 -3.43 -10.89
C SER C 3 -53.64 -2.96 -12.15
N HIS C 4 -52.79 -3.84 -12.70
CA HIS C 4 -52.22 -3.64 -14.00
C HIS C 4 -52.00 -4.96 -14.67
N ASP C 5 -51.60 -4.92 -15.93
CA ASP C 5 -51.54 -6.14 -16.74
C ASP C 5 -50.11 -6.57 -17.04
N LYS C 6 -49.15 -6.01 -16.29
CA LYS C 6 -47.74 -6.30 -16.52
C LYS C 6 -47.32 -7.54 -15.74
N GLN C 7 -46.27 -8.21 -16.22
CA GLN C 7 -45.80 -9.43 -15.58
C GLN C 7 -45.22 -9.18 -14.19
N PHE C 8 -44.49 -8.07 -14.05
CA PHE C 8 -43.86 -7.73 -12.79
C PHE C 8 -44.44 -6.46 -12.18
N SER C 9 -44.61 -6.45 -10.87
CA SER C 9 -44.60 -5.23 -10.08
C SER C 9 -43.22 -4.97 -9.51
N LEU C 10 -42.69 -3.78 -9.78
CA LEU C 10 -41.40 -3.37 -9.25
C LEU C 10 -41.58 -2.21 -8.29
N PHE C 11 -41.43 -2.49 -7.01
CA PHE C 11 -41.53 -1.48 -5.97
C PHE C 11 -40.17 -0.84 -5.72
N LEU C 12 -40.08 0.46 -5.94
CA LEU C 12 -38.82 1.16 -5.78
C LEU C 12 -39.02 2.60 -5.28
N HIS C 13 -37.94 3.19 -4.80
CA HIS C 13 -37.91 4.60 -4.49
C HIS C 13 -37.16 5.34 -5.55
N LYS C 14 -37.75 6.42 -6.05
CA LYS C 14 -37.31 6.99 -7.31
C LYS C 14 -35.84 7.43 -7.26
N ALA C 15 -35.38 7.81 -6.07
CA ALA C 15 -34.05 8.39 -5.93
C ALA C 15 -32.98 7.32 -5.73
N SER C 16 -33.41 6.11 -5.41
CA SER C 16 -32.51 5.02 -5.08
C SER C 16 -31.86 4.44 -6.32
N ALA C 17 -30.64 3.93 -6.17
CA ALA C 17 -29.94 3.28 -7.27
C ALA C 17 -30.54 1.92 -7.62
N HIS C 18 -31.22 1.31 -6.65
CA HIS C 18 -31.28 -0.14 -6.59
C HIS C 18 -32.39 -0.69 -7.46
N GLY C 19 -33.55 -0.03 -7.43
CA GLY C 19 -34.68 -0.46 -8.20
C GLY C 19 -34.51 -0.27 -9.70
N TRP C 20 -33.90 0.84 -10.08
CA TRP C 20 -33.67 1.12 -11.49
C TRP C 20 -32.75 0.11 -12.11
N LYS C 21 -31.78 -0.37 -11.33
CA LYS C 21 -30.94 -1.48 -11.75
C LYS C 21 -31.77 -2.66 -12.24
N VAL C 22 -32.78 -3.04 -11.45
CA VAL C 22 -33.66 -4.12 -11.84
C VAL C 22 -34.44 -3.75 -13.11
N ALA C 23 -34.87 -2.51 -13.20
CA ALA C 23 -35.56 -2.01 -14.40
C ALA C 23 -34.70 -2.19 -15.65
N PHE C 24 -33.43 -1.80 -15.56
CA PHE C 24 -32.51 -2.00 -16.66
C PHE C 24 -32.63 -3.43 -17.20
N VAL C 25 -32.52 -4.39 -16.28
CA VAL C 25 -32.48 -5.80 -16.66
C VAL C 25 -33.80 -6.26 -17.26
N LEU C 26 -34.91 -5.79 -16.69
CA LEU C 26 -36.22 -6.09 -17.22
C LEU C 26 -36.34 -5.57 -18.65
N GLU C 27 -35.87 -4.35 -18.87
CA GLU C 27 -35.88 -3.76 -20.20
C GLU C 27 -35.05 -4.55 -21.20
N GLU C 28 -33.86 -4.95 -20.80
CA GLU C 28 -32.99 -5.73 -21.67
C GLU C 28 -33.68 -7.01 -22.14
N LEU C 29 -34.49 -7.59 -21.28
CA LEU C 29 -35.09 -8.89 -21.54
C LEU C 29 -36.53 -8.76 -22.06
N SER C 30 -36.94 -7.54 -22.32
CA SER C 30 -38.27 -7.27 -22.88
C SER C 30 -39.37 -7.84 -22.00
N LEU C 31 -39.18 -7.72 -20.69
CA LEU C 31 -40.19 -8.14 -19.72
C LEU C 31 -41.04 -6.96 -19.26
N SER C 32 -42.36 -7.14 -19.26
CA SER C 32 -43.27 -6.07 -18.90
C SER C 32 -43.29 -5.88 -17.38
N TYR C 33 -43.27 -4.63 -16.95
CA TYR C 33 -43.29 -4.33 -15.53
C TYR C 33 -44.03 -3.03 -15.24
N GLU C 34 -44.62 -2.95 -14.06
CA GLU C 34 -45.18 -1.70 -13.56
C GLU C 34 -44.38 -1.20 -12.38
N ILE C 35 -43.89 0.03 -12.48
CA ILE C 35 -43.20 0.68 -11.37
C ILE C 35 -44.20 1.16 -10.33
N VAL C 36 -44.04 0.68 -9.11
CA VAL C 36 -44.83 1.15 -7.98
C VAL C 36 -43.96 1.92 -7.00
N LEU C 37 -44.18 3.24 -6.93
CA LEU C 37 -43.32 4.09 -6.12
C LEU C 37 -43.59 3.84 -4.64
N VAL C 38 -42.51 3.59 -3.90
CA VAL C 38 -42.56 3.54 -2.46
C VAL C 38 -41.69 4.65 -1.88
N ASP C 39 -42.32 5.68 -1.36
CA ASP C 39 -41.66 6.96 -1.16
C ASP C 39 -40.93 6.98 0.18
N VAL C 40 -39.62 6.76 0.14
CA VAL C 40 -38.82 6.71 1.36
C VAL C 40 -38.86 8.04 2.11
N ALA C 41 -39.04 9.13 1.39
CA ALA C 41 -39.13 10.45 2.02
C ALA C 41 -40.32 10.56 2.96
N LYS C 42 -41.33 9.74 2.72
CA LYS C 42 -42.52 9.72 3.58
C LYS C 42 -42.57 8.45 4.43
N ASN C 43 -41.45 7.75 4.49
CA ASN C 43 -41.31 6.57 5.32
C ASN C 43 -42.16 5.38 4.89
N GLU C 44 -42.55 5.38 3.62
CA GLU C 44 -43.49 4.37 3.12
C GLU C 44 -42.89 2.97 3.09
N GLN C 45 -41.56 2.90 3.11
CA GLN C 45 -40.86 1.62 3.14
C GLN C 45 -41.01 0.92 4.50
N LYS C 46 -41.52 1.65 5.48
CA LYS C 46 -41.76 1.07 6.80
C LYS C 46 -43.25 0.85 7.06
N SER C 47 -44.08 1.19 6.08
CA SER C 47 -45.50 0.85 6.13
C SER C 47 -45.70 -0.65 6.27
N PRO C 48 -46.63 -1.05 7.14
CA PRO C 48 -46.87 -2.47 7.39
C PRO C 48 -47.19 -3.21 6.10
N GLU C 49 -47.89 -2.55 5.19
CA GLU C 49 -48.21 -3.15 3.91
C GLU C 49 -46.94 -3.52 3.13
N PHE C 50 -45.99 -2.59 3.06
CA PHE C 50 -44.77 -2.88 2.32
C PHE C 50 -43.91 -3.91 3.04
N MET C 51 -43.92 -3.87 4.37
CA MET C 51 -43.07 -4.75 5.15
C MET C 51 -43.58 -6.19 5.10
N LYS C 52 -44.82 -6.37 4.66
CA LYS C 52 -45.30 -7.69 4.26
C LYS C 52 -44.52 -8.25 3.07
N LEU C 53 -44.07 -7.35 2.19
CA LEU C 53 -43.29 -7.76 1.03
C LEU C 53 -41.82 -7.94 1.40
N ASN C 54 -41.30 -7.01 2.18
CA ASN C 54 -39.93 -7.08 2.66
C ASN C 54 -39.84 -6.74 4.15
N PRO C 55 -39.57 -7.76 4.97
CA PRO C 55 -39.48 -7.56 6.42
C PRO C 55 -38.32 -6.64 6.80
N ASN C 56 -37.35 -6.50 5.91
CA ASN C 56 -36.29 -5.52 6.07
C ASN C 56 -36.80 -4.07 5.98
N GLY C 57 -37.96 -3.90 5.36
CA GLY C 57 -38.53 -2.58 5.18
C GLY C 57 -37.59 -1.65 4.43
N ARG C 58 -37.05 -2.13 3.31
CA ARG C 58 -36.31 -1.28 2.38
C ARG C 58 -36.71 -1.60 0.95
N THR C 59 -36.68 -0.60 0.09
CA THR C 59 -36.87 -0.82 -1.34
C THR C 59 -35.57 -1.30 -1.98
N PRO C 60 -35.66 -2.05 -3.07
CA PRO C 60 -36.92 -2.35 -3.74
C PRO C 60 -37.43 -3.75 -3.41
N ALA C 61 -38.57 -4.11 -3.97
CA ALA C 61 -39.03 -5.48 -3.98
C ALA C 61 -39.72 -5.80 -5.30
N LEU C 62 -39.88 -7.09 -5.57
CA LEU C 62 -40.35 -7.56 -6.86
C LEU C 62 -41.45 -8.58 -6.66
N ILE C 63 -42.51 -8.46 -7.44
CA ILE C 63 -43.52 -9.51 -7.54
C ILE C 63 -43.63 -10.00 -8.98
N ASP C 64 -43.41 -11.30 -9.19
CA ASP C 64 -43.52 -11.89 -10.52
C ASP C 64 -44.89 -12.52 -10.71
N HIS C 65 -45.79 -11.78 -11.34
CA HIS C 65 -47.16 -12.22 -11.50
C HIS C 65 -47.24 -13.38 -12.44
N GLY C 66 -46.16 -13.61 -13.19
CA GLY C 66 -46.07 -14.76 -14.07
C GLY C 66 -45.62 -16.03 -13.38
N ASN C 67 -45.24 -15.90 -12.11
CA ASN C 67 -44.85 -17.06 -11.33
C ASN C 67 -45.55 -17.06 -9.98
N SER C 68 -46.88 -17.14 -10.02
CA SER C 68 -47.69 -17.22 -8.81
C SER C 68 -47.41 -16.07 -7.86
N ASP C 69 -47.19 -14.88 -8.40
CA ASP C 69 -46.99 -13.69 -7.60
C ASP C 69 -45.83 -13.89 -6.63
N PHE C 70 -44.78 -14.55 -7.12
CA PHE C 70 -43.56 -14.74 -6.37
C PHE C 70 -42.96 -13.41 -5.92
N VAL C 71 -42.72 -13.29 -4.63
CA VAL C 71 -42.17 -12.05 -4.06
C VAL C 71 -40.70 -12.26 -3.70
N ILE C 72 -39.85 -11.31 -4.11
CA ILE C 72 -38.44 -11.36 -3.77
C ILE C 72 -37.87 -9.96 -3.59
N TRP C 73 -36.95 -9.81 -2.64
CA TRP C 73 -36.27 -8.55 -2.42
C TRP C 73 -34.78 -8.73 -2.35
N GLU C 74 -34.08 -7.62 -2.12
CA GLU C 74 -32.64 -7.52 -2.32
C GLU C 74 -32.41 -7.40 -3.84
N SER C 75 -32.01 -6.22 -4.29
CA SER C 75 -32.01 -5.92 -5.73
C SER C 75 -31.12 -6.89 -6.52
N ASN C 76 -29.99 -7.27 -5.94
CA ASN C 76 -29.10 -8.22 -6.59
C ASN C 76 -29.73 -9.59 -6.79
N ALA C 77 -30.50 -10.03 -5.80
CA ALA C 77 -31.22 -11.29 -5.87
C ALA C 77 -32.36 -11.21 -6.89
N MET C 78 -33.01 -10.05 -6.94
CA MET C 78 -34.04 -9.80 -7.93
C MET C 78 -33.48 -9.90 -9.34
N VAL C 79 -32.38 -9.21 -9.59
CA VAL C 79 -31.71 -9.31 -10.88
C VAL C 79 -31.41 -10.77 -11.23
N GLN C 80 -30.83 -11.49 -10.29
CA GLN C 80 -30.41 -12.86 -10.56
C GLN C 80 -31.61 -13.73 -10.89
N TYR C 81 -32.69 -13.56 -10.13
CA TYR C 81 -33.91 -14.32 -10.39
C TYR C 81 -34.42 -14.02 -11.80
N VAL C 82 -34.45 -12.75 -12.15
CA VAL C 82 -34.97 -12.33 -13.44
C VAL C 82 -34.13 -12.92 -14.58
N ALA C 83 -32.81 -12.73 -14.51
CA ALA C 83 -31.92 -13.20 -15.55
C ALA C 83 -31.93 -14.73 -15.66
N ASP C 84 -31.85 -15.41 -14.53
CA ASP C 84 -31.76 -16.86 -14.53
C ASP C 84 -33.00 -17.49 -15.15
N LYS C 85 -34.17 -16.95 -14.82
CA LYS C 85 -35.42 -17.58 -15.21
C LYS C 85 -35.82 -17.19 -16.64
N TYR C 86 -35.47 -15.98 -17.05
CA TYR C 86 -36.07 -15.40 -18.24
C TYR C 86 -35.08 -15.08 -19.37
N ASP C 87 -33.79 -15.09 -19.07
CA ASP C 87 -32.78 -14.87 -20.10
C ASP C 87 -32.26 -16.19 -20.67
N THR C 88 -33.18 -16.98 -21.21
CA THR C 88 -32.88 -18.37 -21.54
C THR C 88 -31.94 -18.47 -22.74
N GLU C 89 -31.89 -17.41 -23.54
CA GLU C 89 -30.92 -17.29 -24.63
C GLU C 89 -29.58 -16.79 -24.12
N ARG C 90 -29.52 -16.42 -22.85
CA ARG C 90 -28.31 -15.88 -22.26
C ARG C 90 -27.77 -14.71 -23.06
N LYS C 91 -28.63 -13.74 -23.34
CA LYS C 91 -28.21 -12.52 -24.03
C LYS C 91 -27.32 -11.66 -23.16
N ILE C 92 -27.70 -11.54 -21.88
CA ILE C 92 -26.99 -10.68 -20.94
C ILE C 92 -26.57 -11.36 -19.63
N SER C 93 -26.46 -12.68 -19.64
CA SER C 93 -26.16 -13.43 -18.42
C SER C 93 -25.39 -14.70 -18.73
N MET C 94 -24.58 -15.13 -17.77
CA MET C 94 -23.93 -16.44 -17.85
C MET C 94 -24.89 -17.56 -17.46
N ALA C 95 -24.67 -18.74 -18.02
CA ALA C 95 -25.55 -19.87 -17.76
C ALA C 95 -25.39 -20.37 -16.32
N PRO C 96 -26.50 -20.53 -15.62
CA PRO C 96 -26.48 -21.17 -14.29
C PRO C 96 -25.71 -22.49 -14.33
N GLY C 97 -24.98 -22.78 -13.26
CA GLY C 97 -24.24 -24.02 -13.14
C GLY C 97 -23.02 -24.07 -14.04
N THR C 98 -22.46 -22.91 -14.34
CA THR C 98 -21.13 -22.82 -14.94
C THR C 98 -20.19 -22.04 -14.05
N ASP C 99 -18.88 -22.27 -14.23
CA ASP C 99 -17.88 -21.47 -13.54
C ASP C 99 -18.16 -19.97 -13.68
N ASP C 100 -18.42 -19.54 -14.91
CA ASP C 100 -18.59 -18.13 -15.21
C ASP C 100 -19.77 -17.54 -14.45
N PHE C 101 -20.77 -18.38 -14.17
CA PHE C 101 -21.93 -17.95 -13.40
C PHE C 101 -21.47 -17.43 -12.04
N TYR C 102 -20.52 -18.12 -11.44
CA TYR C 102 -20.10 -17.78 -10.09
C TYR C 102 -19.08 -16.65 -10.06
N ILE C 103 -18.39 -16.44 -11.17
CA ILE C 103 -17.65 -15.20 -11.38
C ILE C 103 -18.59 -14.02 -11.57
N GLN C 104 -19.65 -14.24 -12.35
CA GLN C 104 -20.75 -13.29 -12.46
C GLN C 104 -21.33 -12.95 -11.09
N LEU C 105 -21.50 -13.97 -10.26
CA LEU C 105 -22.04 -13.77 -8.93
C LEU C 105 -21.07 -12.98 -8.06
N GLN C 106 -19.81 -13.36 -8.11
CA GLN C 106 -18.73 -12.63 -7.47
C GLN C 106 -18.87 -11.12 -7.71
N TRP C 107 -18.97 -10.72 -8.97
CA TRP C 107 -18.99 -9.31 -9.29
C TRP C 107 -20.24 -8.63 -8.81
N GLN C 108 -21.34 -9.36 -8.77
CA GLN C 108 -22.58 -8.80 -8.25
C GLN C 108 -22.50 -8.57 -6.74
N TYR C 109 -21.81 -9.46 -6.03
CA TYR C 109 -21.60 -9.25 -4.61
C TYR C 109 -20.65 -8.09 -4.36
N PHE C 110 -19.70 -7.87 -5.26
CA PHE C 110 -18.85 -6.69 -5.15
C PHE C 110 -19.70 -5.43 -5.32
N GLN C 111 -20.60 -5.45 -6.29
CA GLN C 111 -21.57 -4.39 -6.46
C GLN C 111 -22.39 -4.17 -5.19
N GLY C 112 -23.04 -5.21 -4.71
CA GLY C 112 -24.00 -5.09 -3.64
C GLY C 112 -23.39 -4.84 -2.28
N THR C 113 -22.19 -5.37 -2.06
CA THR C 113 -21.56 -5.29 -0.75
C THR C 113 -20.43 -4.26 -0.71
N GLY C 114 -19.86 -3.98 -1.87
CA GLY C 114 -18.69 -3.12 -1.99
C GLY C 114 -18.95 -1.73 -2.56
N GLN C 115 -19.72 -1.68 -3.64
CA GLN C 115 -20.10 -0.39 -4.22
C GLN C 115 -21.25 0.24 -3.44
N GLY C 116 -22.36 -0.50 -3.36
CA GLY C 116 -23.60 0.07 -2.87
C GLY C 116 -23.47 0.70 -1.49
N PRO C 117 -23.02 -0.09 -0.51
CA PRO C 117 -23.03 0.36 0.87
C PRO C 117 -22.10 1.55 1.11
N TYR C 118 -20.93 1.53 0.48
CA TYR C 118 -19.94 2.58 0.70
C TYR C 118 -20.27 3.86 -0.05
N PHE C 119 -20.74 3.72 -1.29
CA PHE C 119 -21.37 4.84 -1.98
C PHE C 119 -22.49 5.43 -1.13
N GLY C 120 -23.32 4.56 -0.58
CA GLY C 120 -24.46 4.98 0.21
C GLY C 120 -24.08 5.78 1.44
N GLN C 121 -22.98 5.39 2.09
CA GLN C 121 -22.54 6.11 3.27
C GLN C 121 -22.00 7.49 2.89
N LEU C 122 -21.41 7.60 1.71
CA LEU C 122 -20.99 8.90 1.20
C LEU C 122 -22.18 9.84 1.05
N VAL C 123 -23.22 9.37 0.38
CA VAL C 123 -24.44 10.13 0.25
C VAL C 123 -24.99 10.48 1.63
N TRP C 124 -25.04 9.49 2.51
CA TRP C 124 -25.57 9.72 3.84
C TRP C 124 -24.88 10.83 4.56
N PHE C 125 -23.56 10.78 4.61
CA PHE C 125 -22.82 11.75 5.40
C PHE C 125 -22.71 13.10 4.70
N THR C 126 -22.97 13.12 3.41
CA THR C 126 -23.08 14.36 2.67
C THR C 126 -24.41 15.06 2.94
N LEU C 127 -25.49 14.30 2.92
CA LEU C 127 -26.84 14.87 2.78
C LEU C 127 -27.68 14.75 4.05
N TYR C 128 -27.52 13.66 4.79
CA TYR C 128 -28.58 13.19 5.68
C TYR C 128 -28.17 13.11 7.16
N HIS C 129 -26.90 12.86 7.43
CA HIS C 129 -26.46 12.73 8.80
C HIS C 129 -26.75 14.01 9.56
N GLU C 130 -27.10 13.86 10.83
CA GLU C 130 -27.42 15.00 11.69
C GLU C 130 -26.26 15.98 11.77
N GLU C 131 -25.06 15.46 12.04
CA GLU C 131 -23.84 16.26 12.05
C GLU C 131 -23.15 16.25 10.70
N LYS C 132 -22.55 17.37 10.32
CA LYS C 132 -21.65 17.39 9.17
C LYS C 132 -20.23 17.03 9.57
N ILE C 133 -19.75 15.89 9.10
CA ILE C 133 -18.51 15.31 9.59
C ILE C 133 -17.53 15.08 8.45
N PRO C 134 -16.63 16.03 8.25
CA PRO C 134 -15.71 15.99 7.12
C PRO C 134 -14.90 14.69 7.03
N SER C 135 -14.47 14.16 8.18
CA SER C 135 -13.66 12.95 8.18
C SER C 135 -14.46 11.74 7.70
N ALA C 136 -15.76 11.74 7.98
CA ALA C 136 -16.65 10.69 7.51
C ALA C 136 -16.94 10.82 6.02
N VAL C 137 -17.16 12.05 5.56
CA VAL C 137 -17.33 12.30 4.14
C VAL C 137 -16.07 11.88 3.37
N THR C 138 -14.92 12.29 3.87
CA THR C 138 -13.65 11.92 3.25
C THR C 138 -13.48 10.40 3.18
N ARG C 139 -13.81 9.71 4.26
CA ARG C 139 -13.66 8.26 4.30
C ARG C 139 -14.33 7.60 3.10
N TYR C 140 -15.57 7.98 2.83
CA TYR C 140 -16.37 7.27 1.83
C TYR C 140 -16.18 7.83 0.42
N LYS C 141 -15.78 9.09 0.32
CA LYS C 141 -15.18 9.59 -0.91
C LYS C 141 -14.00 8.75 -1.34
N GLU C 142 -13.07 8.57 -0.47
N GLU C 142 -13.07 8.56 -0.48
CA GLU C 142 -11.87 7.80 -0.79
CA GLU C 142 -11.88 7.79 -0.78
C GLU C 142 -12.21 6.35 -1.15
C GLU C 142 -12.24 6.36 -1.17
N GLU C 143 -13.25 5.88 -0.44
CA GLU C 143 -13.59 4.49 -0.74
C GLU C 143 -14.28 4.35 -2.09
N ALA C 144 -15.05 5.36 -2.46
CA ALA C 144 -15.68 5.38 -3.78
C ALA C 144 -14.63 5.36 -4.88
N LEU C 145 -13.62 6.22 -4.72
CA LEU C 145 -12.50 6.24 -5.65
C LEU C 145 -11.79 4.89 -5.70
N ARG C 146 -11.66 4.23 -4.55
CA ARG C 146 -11.01 2.93 -4.49
C ARG C 146 -11.78 1.90 -5.29
N VAL C 147 -13.09 1.92 -5.15
CA VAL C 147 -13.98 1.06 -5.93
C VAL C 147 -13.78 1.27 -7.42
N PHE C 148 -13.72 2.52 -7.85
CA PHE C 148 -13.42 2.83 -9.24
C PHE C 148 -12.09 2.21 -9.66
N SER C 149 -11.09 2.32 -8.80
CA SER C 149 -9.76 1.81 -9.13
C SER C 149 -9.76 0.30 -9.28
N VAL C 150 -10.61 -0.37 -8.51
CA VAL C 150 -10.78 -1.82 -8.64
C VAL C 150 -11.37 -2.20 -9.99
N LEU C 151 -12.45 -1.52 -10.37
CA LEU C 151 -13.05 -1.73 -11.68
C LEU C 151 -12.03 -1.45 -12.78
N GLU C 152 -11.31 -0.34 -12.64
CA GLU C 152 -10.34 0.05 -13.66
C GLU C 152 -9.25 -1.00 -13.80
N ARG C 153 -8.83 -1.57 -12.68
CA ARG C 153 -7.81 -2.61 -12.69
C ARG C 153 -8.17 -3.71 -13.67
N VAL C 154 -9.44 -4.09 -13.69
CA VAL C 154 -9.92 -5.19 -14.48
C VAL C 154 -10.28 -4.72 -15.88
N LEU C 155 -11.03 -3.63 -15.98
CA LEU C 155 -11.61 -3.21 -17.23
C LEU C 155 -10.58 -2.62 -18.20
N SER C 156 -9.43 -2.23 -17.68
CA SER C 156 -8.33 -1.76 -18.51
C SER C 156 -7.69 -2.92 -19.28
N ASN C 157 -8.02 -4.14 -18.88
CA ASN C 157 -7.41 -5.33 -19.46
C ASN C 157 -8.41 -6.25 -20.15
N GLN C 158 -9.70 -5.99 -19.97
CA GLN C 158 -10.75 -6.73 -20.66
C GLN C 158 -12.00 -5.88 -20.82
N GLU C 159 -12.77 -6.15 -21.87
CA GLU C 159 -13.91 -5.30 -22.20
C GLU C 159 -15.01 -5.39 -21.16
N TRP C 160 -15.29 -6.60 -20.69
CA TRP C 160 -16.38 -6.85 -19.77
C TRP C 160 -15.93 -7.66 -18.59
N LEU C 161 -16.71 -7.62 -17.52
CA LEU C 161 -16.31 -8.26 -16.26
C LEU C 161 -16.22 -9.78 -16.37
N VAL C 162 -17.16 -10.38 -17.10
CA VAL C 162 -17.17 -11.83 -17.25
C VAL C 162 -17.75 -12.27 -18.60
N GLY C 163 -17.18 -13.32 -19.17
CA GLY C 163 -17.82 -14.05 -20.24
C GLY C 163 -17.66 -13.39 -21.59
N GLY C 164 -16.92 -12.28 -21.62
CA GLY C 164 -16.61 -11.60 -22.87
C GLY C 164 -17.83 -10.94 -23.48
N LYS C 165 -18.84 -10.71 -22.67
CA LYS C 165 -19.99 -9.89 -23.09
C LYS C 165 -20.52 -9.08 -21.92
N MET C 166 -21.24 -8.01 -22.23
CA MET C 166 -22.02 -7.31 -21.21
C MET C 166 -22.98 -8.27 -20.53
N THR C 167 -22.97 -8.27 -19.20
CA THR C 167 -23.91 -9.07 -18.42
C THR C 167 -24.52 -8.27 -17.28
N ILE C 168 -25.42 -8.90 -16.55
CA ILE C 168 -25.97 -8.31 -15.34
C ILE C 168 -24.88 -7.89 -14.35
N ALA C 169 -23.71 -8.50 -14.44
CA ALA C 169 -22.58 -8.09 -13.62
C ALA C 169 -22.17 -6.65 -13.93
N ASP C 170 -21.99 -6.36 -15.21
CA ASP C 170 -21.64 -5.01 -15.62
C ASP C 170 -22.78 -4.05 -15.33
N ILE C 171 -23.99 -4.43 -15.72
CA ILE C 171 -25.14 -3.53 -15.66
C ILE C 171 -25.39 -3.03 -14.24
N SER C 172 -25.09 -3.88 -13.26
CA SER C 172 -25.48 -3.62 -11.88
C SER C 172 -24.78 -2.39 -11.31
N PHE C 173 -23.63 -2.05 -11.87
CA PHE C 173 -22.82 -0.95 -11.37
C PHE C 173 -23.33 0.41 -11.86
N VAL C 174 -24.16 0.40 -12.88
CA VAL C 174 -24.40 1.59 -13.67
C VAL C 174 -25.09 2.69 -12.85
N SER C 175 -26.19 2.35 -12.20
CA SER C 175 -27.00 3.37 -11.54
C SER C 175 -26.21 4.11 -10.46
N TRP C 176 -25.54 3.37 -9.58
CA TRP C 176 -24.75 3.99 -8.53
C TRP C 176 -23.61 4.80 -9.08
N ASN C 177 -22.96 4.29 -10.11
CA ASN C 177 -21.81 4.98 -10.69
C ASN C 177 -22.19 6.33 -11.31
N ASP C 178 -23.37 6.39 -11.91
CA ASP C 178 -23.85 7.66 -12.45
C ASP C 178 -24.25 8.63 -11.35
N MET C 179 -24.79 8.10 -10.27
CA MET C 179 -25.23 8.92 -9.15
C MET C 179 -24.05 9.52 -8.38
N ILE C 180 -22.99 8.73 -8.23
CA ILE C 180 -21.94 9.08 -7.27
C ILE C 180 -21.08 10.23 -7.78
N VAL C 181 -21.07 10.44 -9.09
CA VAL C 181 -20.22 11.45 -9.71
C VAL C 181 -20.41 12.81 -9.04
N HIS C 182 -21.66 13.16 -8.76
CA HIS C 182 -21.99 14.48 -8.25
C HIS C 182 -21.50 14.67 -6.85
N PHE C 183 -21.09 13.59 -6.21
CA PHE C 183 -20.72 13.62 -4.80
C PHE C 183 -19.22 13.65 -4.61
N LEU C 184 -18.49 13.69 -5.74
CA LEU C 184 -17.05 13.73 -5.72
C LEU C 184 -16.54 15.08 -6.21
N ASP C 185 -15.59 15.66 -5.50
CA ASP C 185 -15.08 16.98 -5.84
C ASP C 185 -13.95 16.89 -6.86
N ASN C 186 -13.87 17.90 -7.73
CA ASN C 186 -12.80 17.98 -8.70
C ASN C 186 -12.61 16.67 -9.46
N PHE C 187 -13.74 16.06 -9.84
CA PHE C 187 -13.72 14.69 -10.35
C PHE C 187 -14.00 14.66 -11.85
N ASP C 188 -13.05 14.14 -12.60
CA ASP C 188 -13.23 13.92 -14.02
C ASP C 188 -13.21 12.43 -14.35
N PHE C 189 -14.37 11.84 -14.52
CA PHE C 189 -14.50 10.39 -14.56
C PHE C 189 -13.68 9.79 -15.70
N GLU C 190 -13.73 10.42 -16.86
CA GLU C 190 -13.08 9.88 -18.04
C GLU C 190 -11.56 10.01 -17.92
N LYS C 191 -11.12 11.11 -17.30
CA LYS C 191 -9.71 11.32 -16.97
C LYS C 191 -9.12 10.43 -15.87
N GLU C 192 -9.86 10.24 -14.79
CA GLU C 192 -9.37 9.50 -13.63
C GLU C 192 -9.45 7.99 -13.86
N PHE C 193 -10.52 7.55 -14.51
CA PHE C 193 -10.74 6.13 -14.74
C PHE C 193 -11.28 5.88 -16.14
N PRO C 194 -10.39 5.94 -17.14
CA PRO C 194 -10.81 6.00 -18.53
C PRO C 194 -11.54 4.74 -18.99
N ALA C 195 -11.03 3.57 -18.60
CA ALA C 195 -11.63 2.31 -19.03
C ALA C 195 -12.99 2.12 -18.38
N THR C 196 -13.07 2.41 -17.09
CA THR C 196 -14.32 2.31 -16.36
C THR C 196 -15.35 3.30 -16.90
N ALA C 197 -14.91 4.51 -17.20
CA ALA C 197 -15.79 5.52 -17.76
C ALA C 197 -16.39 5.09 -19.10
N ALA C 198 -15.54 4.61 -20.01
CA ALA C 198 -15.98 4.19 -21.32
C ALA C 198 -16.99 3.05 -21.21
N TRP C 199 -16.70 2.13 -20.30
CA TRP C 199 -17.52 0.99 -20.03
C TRP C 199 -18.86 1.46 -19.52
N HIS C 200 -18.82 2.37 -18.56
CA HIS C 200 -20.02 2.95 -17.98
C HIS C 200 -20.88 3.65 -19.00
N TYR C 201 -20.29 4.58 -19.74
CA TYR C 201 -21.07 5.40 -20.67
C TYR C 201 -21.49 4.62 -21.91
N LYS C 202 -20.89 3.51 -22.19
N LYS C 202 -20.88 3.51 -22.19
CA LYS C 202 -21.34 2.65 -23.28
CA LYS C 202 -21.31 2.63 -23.26
C LYS C 202 -22.66 1.98 -22.91
C LYS C 202 -22.64 1.97 -22.91
N MET C 203 -22.69 1.52 -21.62
CA MET C 203 -23.95 0.90 -21.22
C MET C 203 -25.08 1.91 -21.12
N LEU C 204 -24.75 3.11 -20.64
CA LEU C 204 -25.77 4.12 -20.39
C LEU C 204 -26.40 4.61 -21.69
N LYS C 205 -25.69 4.41 -22.80
CA LYS C 205 -26.19 4.83 -24.11
C LYS C 205 -27.31 3.93 -24.60
N ARG C 206 -27.33 2.70 -24.11
CA ARG C 206 -28.34 1.73 -24.51
C ARG C 206 -29.73 2.24 -24.16
N PRO C 207 -30.63 2.23 -25.13
CA PRO C 207 -32.00 2.71 -24.89
C PRO C 207 -32.69 1.94 -23.76
N THR C 208 -32.34 0.67 -23.60
CA THR C 208 -32.90 -0.17 -22.56
C THR C 208 -32.51 0.33 -21.17
N ILE C 209 -31.41 1.05 -21.10
CA ILE C 209 -30.89 1.58 -19.84
C ILE C 209 -31.17 3.08 -19.73
N LYS C 210 -31.06 3.78 -20.86
CA LYS C 210 -31.32 5.22 -20.88
C LYS C 210 -32.77 5.54 -20.54
N ARG C 211 -33.69 4.72 -21.03
CA ARG C 211 -35.12 4.97 -20.85
C ARG C 211 -35.51 5.02 -19.38
N PRO C 212 -35.21 3.95 -18.64
CA PRO C 212 -35.49 3.92 -17.21
C PRO C 212 -34.79 5.06 -16.47
N TRP C 213 -33.54 5.33 -16.82
CA TRP C 213 -32.78 6.36 -16.15
C TRP C 213 -33.36 7.71 -16.42
N ASP C 214 -33.84 7.92 -17.65
CA ASP C 214 -34.52 9.16 -17.99
C ASP C 214 -35.81 9.31 -17.20
N GLU C 215 -36.50 8.20 -16.95
CA GLU C 215 -37.73 8.23 -16.19
C GLU C 215 -37.48 8.57 -14.73
N ARG C 216 -36.40 8.03 -14.17
CA ARG C 216 -35.94 8.46 -12.86
C ARG C 216 -35.81 9.98 -12.83
N ARG C 217 -35.15 10.53 -13.85
CA ARG C 217 -34.92 11.96 -13.93
C ARG C 217 -36.23 12.73 -13.90
N LYS C 218 -37.17 12.30 -14.73
CA LYS C 218 -38.50 12.91 -14.77
C LYS C 218 -39.17 12.85 -13.40
N LEU C 219 -39.22 11.66 -12.82
CA LEU C 219 -39.90 11.47 -11.55
C LEU C 219 -39.27 12.35 -10.48
N MET C 220 -37.96 12.55 -10.55
CA MET C 220 -37.25 13.29 -9.53
C MET C 220 -37.34 14.80 -9.74
N SER C 221 -37.50 15.30 -10.94
N SER C 221 -37.49 15.30 -10.95
CA SER C 221 -37.58 16.72 -11.25
CA SER C 221 -37.62 16.71 -11.28
C SER C 221 -38.74 17.36 -10.49
C SER C 221 -38.73 17.36 -10.47
N ARG C 222 -39.73 16.56 -10.10
CA ARG C 222 -41.01 16.96 -9.51
C ARG C 222 -41.30 16.28 -8.17
N GLN C 223 -41.77 17.03 -7.18
CA GLN C 223 -42.02 16.45 -5.87
C GLN C 223 -43.46 15.98 -5.72
N SER D 3 48.75 -1.29 18.91
CA SER D 3 50.16 -1.56 18.71
C SER D 3 50.79 -0.57 17.75
N HIS D 4 50.13 0.58 17.58
CA HIS D 4 50.79 1.77 17.12
C HIS D 4 50.40 2.93 17.99
N ASP D 5 51.01 4.09 17.76
CA ASP D 5 50.82 5.22 18.67
C ASP D 5 50.10 6.38 17.99
N LYS D 6 49.38 6.07 16.91
CA LYS D 6 48.58 7.08 16.22
C LYS D 6 47.19 7.20 16.83
N GLN D 7 46.56 8.35 16.66
CA GLN D 7 45.26 8.60 17.25
C GLN D 7 44.18 7.71 16.63
N PHE D 8 44.27 7.47 15.33
CA PHE D 8 43.25 6.74 14.59
C PHE D 8 43.82 5.46 14.00
N SER D 9 43.06 4.38 14.09
CA SER D 9 43.19 3.26 13.16
C SER D 9 42.21 3.39 12.01
N LEU D 10 42.74 3.46 10.79
CA LEU D 10 41.91 3.57 9.61
C LEU D 10 41.97 2.29 8.80
N PHE D 11 40.90 1.51 8.83
CA PHE D 11 40.83 0.28 8.05
C PHE D 11 40.25 0.54 6.67
N LEU D 12 41.03 0.24 5.65
CA LEU D 12 40.57 0.42 4.28
C LEU D 12 41.10 -0.65 3.32
N HIS D 13 40.50 -0.72 2.15
CA HIS D 13 41.06 -1.46 1.04
C HIS D 13 41.69 -0.53 0.05
N LYS D 14 42.92 -0.85 -0.35
CA LYS D 14 43.75 0.13 -1.03
C LYS D 14 43.11 0.64 -2.33
N ALA D 15 42.37 -0.24 -2.99
CA ALA D 15 41.79 0.09 -4.29
C ALA D 15 40.55 0.96 -4.17
N SER D 16 39.95 0.99 -2.99
CA SER D 16 38.66 1.64 -2.79
C SER D 16 38.80 3.15 -2.75
N ALA D 17 37.75 3.86 -3.16
CA ALA D 17 37.72 5.31 -3.12
C ALA D 17 37.57 5.83 -1.68
N HIS D 18 37.00 5.00 -0.81
CA HIS D 18 36.27 5.49 0.34
C HIS D 18 37.17 5.76 1.52
N GLY D 19 38.11 4.87 1.75
CA GLY D 19 39.05 5.03 2.85
C GLY D 19 39.98 6.21 2.65
N TRP D 20 40.47 6.36 1.42
CA TRP D 20 41.38 7.44 1.10
C TRP D 20 40.73 8.78 1.28
N LYS D 21 39.42 8.85 1.02
CA LYS D 21 38.66 10.05 1.31
C LYS D 21 38.84 10.46 2.76
N VAL D 22 38.72 9.49 3.67
CA VAL D 22 38.87 9.77 5.09
C VAL D 22 40.30 10.20 5.41
N ALA D 23 41.26 9.53 4.80
CA ALA D 23 42.66 9.92 4.93
C ALA D 23 42.88 11.37 4.53
N PHE D 24 42.31 11.77 3.41
CA PHE D 24 42.36 13.17 2.99
C PHE D 24 42.03 14.09 4.15
N VAL D 25 40.92 13.82 4.82
CA VAL D 25 40.40 14.73 5.83
C VAL D 25 41.30 14.72 7.07
N LEU D 26 41.73 13.53 7.48
CA LEU D 26 42.66 13.41 8.59
C LEU D 26 43.93 14.21 8.34
N GLU D 27 44.46 14.11 7.12
CA GLU D 27 45.63 14.88 6.74
C GLU D 27 45.37 16.38 6.86
N GLU D 28 44.25 16.82 6.30
CA GLU D 28 43.89 18.24 6.34
C GLU D 28 43.87 18.75 7.76
N LEU D 29 43.55 17.87 8.69
CA LEU D 29 43.33 18.27 10.09
C LEU D 29 44.54 17.93 10.95
N SER D 30 45.60 17.48 10.31
CA SER D 30 46.84 17.14 11.02
C SER D 30 46.58 16.12 12.12
N LEU D 31 45.70 15.17 11.85
CA LEU D 31 45.44 14.08 12.79
C LEU D 31 46.28 12.85 12.42
N SER D 32 46.89 12.23 13.43
CA SER D 32 47.74 11.08 13.21
C SER D 32 46.90 9.83 13.03
N TYR D 33 47.23 9.03 12.01
CA TYR D 33 46.50 7.80 11.76
C TYR D 33 47.42 6.71 11.24
N GLU D 34 47.05 5.46 11.53
CA GLU D 34 47.69 4.31 10.93
C GLU D 34 46.72 3.59 10.02
N ILE D 35 47.11 3.44 8.75
CA ILE D 35 46.29 2.67 7.82
C ILE D 35 46.45 1.19 8.08
N VAL D 36 45.32 0.51 8.25
CA VAL D 36 45.31 -0.94 8.35
C VAL D 36 44.60 -1.54 7.15
N LEU D 37 45.34 -2.26 6.33
CA LEU D 37 44.80 -2.76 5.08
C LEU D 37 43.87 -3.93 5.35
N VAL D 38 42.67 -3.85 4.77
CA VAL D 38 41.73 -4.95 4.80
C VAL D 38 41.47 -5.42 3.38
N ASP D 39 42.04 -6.56 3.02
CA ASP D 39 42.20 -6.91 1.62
C ASP D 39 40.94 -7.60 1.08
N VAL D 40 40.13 -6.83 0.37
CA VAL D 40 38.86 -7.33 -0.14
C VAL D 40 39.07 -8.48 -1.11
N ALA D 41 40.24 -8.53 -1.73
CA ALA D 41 40.53 -9.56 -2.72
C ALA D 41 40.74 -10.93 -2.05
N LYS D 42 41.02 -10.91 -0.75
CA LYS D 42 41.02 -12.13 0.05
C LYS D 42 39.82 -12.18 1.00
N ASN D 43 38.81 -11.36 0.73
CA ASN D 43 37.56 -11.42 1.47
C ASN D 43 37.73 -11.12 2.96
N GLU D 44 38.74 -10.31 3.28
CA GLU D 44 39.05 -10.02 4.67
C GLU D 44 37.97 -9.13 5.30
N GLN D 45 37.16 -8.50 4.46
CA GLN D 45 36.10 -7.62 4.94
C GLN D 45 34.93 -8.39 5.52
N LYS D 46 34.92 -9.70 5.32
CA LYS D 46 33.87 -10.55 5.87
C LYS D 46 34.42 -11.45 6.99
N SER D 47 35.66 -11.19 7.40
CA SER D 47 36.25 -11.88 8.54
C SER D 47 35.51 -11.55 9.84
N PRO D 48 35.48 -12.50 10.76
CA PRO D 48 34.84 -12.27 12.05
C PRO D 48 35.36 -11.01 12.74
N GLU D 49 36.66 -10.76 12.64
CA GLU D 49 37.27 -9.67 13.40
C GLU D 49 36.95 -8.31 12.80
N PHE D 50 36.83 -8.23 11.48
CA PHE D 50 36.43 -6.96 10.87
C PHE D 50 34.93 -6.70 11.01
N MET D 51 34.13 -7.75 10.89
CA MET D 51 32.69 -7.59 11.00
C MET D 51 32.29 -7.21 12.41
N LYS D 52 33.16 -7.50 13.37
CA LYS D 52 33.03 -6.95 14.71
C LYS D 52 33.03 -5.42 14.70
N LEU D 53 33.81 -4.83 13.79
CA LEU D 53 33.87 -3.39 13.62
C LEU D 53 32.72 -2.86 12.77
N ASN D 54 32.37 -3.60 11.73
CA ASN D 54 31.29 -3.20 10.84
C ASN D 54 30.44 -4.38 10.41
N PRO D 55 29.22 -4.45 10.94
CA PRO D 55 28.33 -5.58 10.65
C PRO D 55 27.93 -5.63 9.18
N ASN D 56 28.14 -4.54 8.46
CA ASN D 56 27.93 -4.52 7.01
C ASN D 56 28.98 -5.33 6.27
N GLY D 57 30.14 -5.47 6.89
CA GLY D 57 31.26 -6.17 6.28
C GLY D 57 31.73 -5.51 5.00
N ARG D 58 31.90 -4.20 5.05
CA ARG D 58 32.57 -3.46 3.99
C ARG D 58 33.53 -2.45 4.57
N THR D 59 34.60 -2.14 3.84
CA THR D 59 35.52 -1.09 4.23
C THR D 59 35.00 0.26 3.75
N PRO D 60 35.33 1.34 4.46
CA PRO D 60 36.33 1.32 5.54
C PRO D 60 35.67 1.38 6.91
N ALA D 61 36.50 1.35 7.96
CA ALA D 61 36.05 1.68 9.30
C ALA D 61 37.13 2.43 10.06
N LEU D 62 36.74 3.04 11.17
CA LEU D 62 37.60 3.95 11.91
C LEU D 62 37.56 3.62 13.39
N ILE D 63 38.71 3.62 14.04
CA ILE D 63 38.79 3.61 15.49
C ILE D 63 39.51 4.86 16.00
N ASP D 64 38.83 5.63 16.83
CA ASP D 64 39.40 6.83 17.42
C ASP D 64 39.95 6.50 18.81
N HIS D 65 41.25 6.29 18.87
CA HIS D 65 41.91 5.95 20.12
C HIS D 65 42.00 7.13 21.03
N GLY D 66 41.75 8.32 20.50
CA GLY D 66 41.67 9.52 21.29
C GLY D 66 40.30 9.74 21.90
N ASN D 67 39.36 8.88 21.56
CA ASN D 67 38.03 8.92 22.15
C ASN D 67 37.59 7.53 22.59
N SER D 68 38.33 6.96 23.54
CA SER D 68 38.00 5.66 24.12
C SER D 68 37.70 4.60 23.06
N ASP D 69 38.51 4.58 22.00
CA ASP D 69 38.39 3.57 20.96
C ASP D 69 36.99 3.56 20.33
N PHE D 70 36.41 4.73 20.19
CA PHE D 70 35.18 4.89 19.45
C PHE D 70 35.28 4.27 18.04
N VAL D 71 34.31 3.44 17.68
CA VAL D 71 34.28 2.81 16.37
C VAL D 71 33.15 3.37 15.51
N ILE D 72 33.48 3.74 14.27
CA ILE D 72 32.47 4.20 13.33
C ILE D 72 32.81 3.78 11.90
N TRP D 73 31.78 3.41 11.14
CA TRP D 73 31.94 3.11 9.72
C TRP D 73 31.00 3.90 8.86
N GLU D 74 31.03 3.63 7.56
CA GLU D 74 30.42 4.46 6.54
C GLU D 74 31.32 5.68 6.36
N SER D 75 31.99 5.77 5.22
CA SER D 75 33.07 6.74 5.03
C SER D 75 32.59 8.18 5.23
N ASN D 76 31.38 8.47 4.78
CA ASN D 76 30.81 9.80 4.95
C ASN D 76 30.57 10.16 6.43
N ALA D 77 30.13 9.18 7.21
CA ALA D 77 29.90 9.41 8.62
C ALA D 77 31.24 9.58 9.35
N MET D 78 32.21 8.76 8.99
CA MET D 78 33.56 8.88 9.50
C MET D 78 34.13 10.29 9.28
N VAL D 79 33.99 10.79 8.06
CA VAL D 79 34.38 12.16 7.75
C VAL D 79 33.68 13.16 8.66
N GLN D 80 32.36 13.04 8.76
CA GLN D 80 31.59 14.01 9.53
C GLN D 80 32.00 14.01 11.00
N TYR D 81 32.24 12.82 11.54
CA TYR D 81 32.67 12.68 12.92
C TYR D 81 34.01 13.39 13.13
N VAL D 82 34.94 13.12 12.24
CA VAL D 82 36.29 13.67 12.35
C VAL D 82 36.28 15.19 12.24
N ALA D 83 35.56 15.72 11.26
CA ALA D 83 35.51 17.16 11.04
C ALA D 83 34.80 17.88 12.17
N ASP D 84 33.65 17.35 12.58
CA ASP D 84 32.86 17.99 13.62
C ASP D 84 33.63 18.09 14.93
N LYS D 85 34.32 17.01 15.29
CA LYS D 85 34.95 16.92 16.61
C LYS D 85 36.29 17.64 16.63
N TYR D 86 37.00 17.63 15.51
CA TYR D 86 38.41 18.00 15.50
C TYR D 86 38.73 19.26 14.68
N ASP D 87 37.85 19.63 13.77
CA ASP D 87 38.07 20.84 12.97
C ASP D 87 37.40 22.05 13.62
N THR D 88 37.76 22.32 14.86
CA THR D 88 37.12 23.38 15.62
C THR D 88 37.50 24.76 15.06
N GLU D 89 38.60 24.80 14.32
CA GLU D 89 38.98 26.01 13.60
C GLU D 89 38.13 26.19 12.35
N ARG D 90 37.37 25.15 12.01
CA ARG D 90 36.59 25.12 10.78
C ARG D 90 37.42 25.52 9.56
N LYS D 91 38.61 24.94 9.45
CA LYS D 91 39.44 25.14 8.27
C LYS D 91 38.76 24.59 7.03
N ILE D 92 38.20 23.39 7.15
CA ILE D 92 37.58 22.69 6.02
C ILE D 92 36.14 22.21 6.24
N SER D 93 35.42 22.85 7.16
CA SER D 93 34.06 22.39 7.47
C SER D 93 33.18 23.55 7.93
N MET D 94 31.87 23.38 7.78
CA MET D 94 30.90 24.31 8.32
C MET D 94 30.54 23.98 9.76
N ALA D 95 30.23 25.00 10.55
CA ALA D 95 29.96 24.82 11.96
C ALA D 95 28.69 24.00 12.19
N PRO D 96 28.79 22.95 13.00
CA PRO D 96 27.60 22.28 13.52
C PRO D 96 26.60 23.28 14.11
N GLY D 97 25.32 22.97 13.99
CA GLY D 97 24.28 23.80 14.59
C GLY D 97 24.03 25.07 13.80
N THR D 98 24.48 25.08 12.56
CA THR D 98 24.11 26.11 11.59
C THR D 98 23.45 25.50 10.37
N ASP D 99 22.73 26.33 9.62
CA ASP D 99 22.01 25.85 8.44
C ASP D 99 22.95 25.36 7.35
N ASP D 100 24.08 26.04 7.18
CA ASP D 100 25.05 25.65 6.18
C ASP D 100 25.63 24.25 6.44
N PHE D 101 25.59 23.81 7.69
CA PHE D 101 26.00 22.46 8.02
C PHE D 101 25.22 21.45 7.20
N TYR D 102 23.94 21.76 6.98
CA TYR D 102 23.02 20.81 6.36
C TYR D 102 23.06 20.88 4.84
N ILE D 103 23.46 22.02 4.31
CA ILE D 103 23.88 22.10 2.91
C ILE D 103 25.16 21.30 2.68
N GLN D 104 26.10 21.41 3.61
CA GLN D 104 27.27 20.56 3.62
C GLN D 104 26.90 19.08 3.66
N LEU D 105 25.92 18.76 4.51
CA LEU D 105 25.42 17.40 4.63
C LEU D 105 24.75 16.94 3.34
N GLN D 106 23.88 17.80 2.82
CA GLN D 106 23.29 17.59 1.50
C GLN D 106 24.30 17.10 0.47
N TRP D 107 25.42 17.79 0.36
CA TRP D 107 26.38 17.50 -0.69
C TRP D 107 27.14 16.23 -0.44
N GLN D 108 27.37 15.91 0.83
CA GLN D 108 28.01 14.65 1.17
C GLN D 108 27.10 13.46 0.86
N TYR D 109 25.80 13.62 1.05
CA TYR D 109 24.87 12.55 0.68
C TYR D 109 24.78 12.39 -0.83
N PHE D 110 24.93 13.48 -1.58
CA PHE D 110 25.00 13.35 -3.03
C PHE D 110 26.23 12.56 -3.43
N GLN D 111 27.34 12.84 -2.75
CA GLN D 111 28.56 12.09 -2.97
C GLN D 111 28.35 10.62 -2.62
N GLY D 112 27.80 10.37 -1.44
CA GLY D 112 27.70 9.03 -0.90
C GLY D 112 26.62 8.17 -1.55
N THR D 113 25.54 8.80 -1.98
CA THR D 113 24.41 8.06 -2.55
C THR D 113 24.32 8.22 -4.06
N GLY D 114 24.87 9.32 -4.57
CA GLY D 114 24.79 9.65 -5.98
C GLY D 114 26.01 9.36 -6.83
N GLN D 115 27.18 9.76 -6.34
CA GLN D 115 28.42 9.45 -7.03
C GLN D 115 28.86 8.01 -6.74
N GLY D 116 29.03 7.70 -5.46
CA GLY D 116 29.72 6.48 -5.07
C GLY D 116 29.11 5.23 -5.67
N PRO D 117 27.82 5.01 -5.43
CA PRO D 117 27.18 3.76 -5.80
C PRO D 117 27.11 3.58 -7.31
N TYR D 118 26.90 4.67 -8.04
CA TYR D 118 26.71 4.59 -9.48
C TYR D 118 28.04 4.50 -10.22
N PHE D 119 29.01 5.30 -9.80
CA PHE D 119 30.41 5.04 -10.17
C PHE D 119 30.75 3.57 -9.93
N GLY D 120 30.41 3.07 -8.74
CA GLY D 120 30.70 1.70 -8.37
C GLY D 120 30.15 0.68 -9.33
N GLN D 121 28.90 0.87 -9.76
CA GLN D 121 28.26 -0.07 -10.67
C GLN D 121 28.95 -0.05 -12.05
N LEU D 122 29.47 1.11 -12.43
CA LEU D 122 30.22 1.22 -13.67
C LEU D 122 31.47 0.34 -13.62
N VAL D 123 32.20 0.45 -12.52
CA VAL D 123 33.36 -0.39 -12.30
C VAL D 123 32.94 -1.86 -12.27
N TRP D 124 31.86 -2.16 -11.57
CA TRP D 124 31.42 -3.54 -11.44
C TRP D 124 31.18 -4.17 -12.78
N PHE D 125 30.35 -3.52 -13.59
CA PHE D 125 29.94 -4.11 -14.86
C PHE D 125 31.06 -4.07 -15.89
N THR D 126 32.02 -3.17 -15.69
CA THR D 126 33.22 -3.16 -16.52
C THR D 126 34.15 -4.32 -16.21
N LEU D 127 34.37 -4.59 -14.92
CA LEU D 127 35.49 -5.41 -14.48
C LEU D 127 35.07 -6.77 -13.94
N TYR D 128 33.89 -6.84 -13.33
CA TYR D 128 33.63 -7.87 -12.35
C TYR D 128 32.42 -8.76 -12.68
N HIS D 129 31.40 -8.16 -13.28
CA HIS D 129 30.21 -8.92 -13.61
C HIS D 129 30.55 -10.07 -14.51
N GLU D 130 29.87 -11.18 -14.32
CA GLU D 130 30.27 -12.45 -14.94
C GLU D 130 30.18 -12.37 -16.45
N GLU D 131 29.32 -11.49 -16.95
CA GLU D 131 29.24 -11.20 -18.38
C GLU D 131 29.46 -9.72 -18.64
N LYS D 132 30.18 -9.41 -19.71
CA LYS D 132 30.38 -8.02 -20.09
C LYS D 132 29.18 -7.62 -20.94
N ILE D 133 28.43 -6.65 -20.44
CA ILE D 133 27.14 -6.30 -21.03
C ILE D 133 27.06 -4.81 -21.35
N PRO D 134 27.14 -4.47 -22.63
CA PRO D 134 27.25 -3.07 -23.04
C PRO D 134 26.13 -2.20 -22.49
N SER D 135 24.91 -2.71 -22.48
CA SER D 135 23.76 -1.94 -22.03
C SER D 135 23.87 -1.55 -20.56
N ALA D 136 24.41 -2.45 -19.75
CA ALA D 136 24.65 -2.18 -18.34
C ALA D 136 25.81 -1.19 -18.16
N VAL D 137 26.91 -1.45 -18.86
CA VAL D 137 28.05 -0.56 -18.81
C VAL D 137 27.67 0.84 -19.25
N THR D 138 26.92 0.93 -20.34
CA THR D 138 26.48 2.21 -20.88
C THR D 138 25.58 2.97 -19.89
N ARG D 139 24.69 2.25 -19.23
CA ARG D 139 23.80 2.88 -18.25
C ARG D 139 24.59 3.71 -17.25
N TYR D 140 25.67 3.13 -16.74
CA TYR D 140 26.40 3.76 -15.64
C TYR D 140 27.50 4.70 -16.12
N LYS D 141 27.98 4.49 -17.33
CA LYS D 141 28.72 5.53 -18.05
C LYS D 141 27.89 6.80 -18.13
N GLU D 142 26.66 6.68 -18.60
CA GLU D 142 25.79 7.84 -18.76
C GLU D 142 25.52 8.51 -17.42
N GLU D 143 25.31 7.71 -16.38
CA GLU D 143 25.00 8.28 -15.08
C GLU D 143 26.22 8.99 -14.50
N ALA D 144 27.40 8.41 -14.70
CA ALA D 144 28.64 9.07 -14.28
C ALA D 144 28.77 10.45 -14.91
N LEU D 145 28.55 10.52 -16.22
CA LEU D 145 28.57 11.80 -16.92
C LEU D 145 27.51 12.76 -16.38
N ARG D 146 26.33 12.24 -16.06
CA ARG D 146 25.27 13.06 -15.50
C ARG D 146 25.69 13.66 -14.17
N VAL D 147 26.35 12.85 -13.34
CA VAL D 147 26.84 13.32 -12.06
C VAL D 147 27.81 14.49 -12.24
N PHE D 148 28.76 14.32 -13.16
CA PHE D 148 29.66 15.41 -13.51
C PHE D 148 28.89 16.67 -13.92
N SER D 149 27.80 16.48 -14.66
CA SER D 149 27.02 17.61 -15.16
C SER D 149 26.35 18.36 -14.02
N VAL D 150 25.94 17.64 -12.98
CA VAL D 150 25.39 18.26 -11.79
C VAL D 150 26.43 19.14 -11.10
N LEU D 151 27.61 18.58 -10.88
CA LEU D 151 28.71 19.33 -10.27
C LEU D 151 29.05 20.57 -11.10
N GLU D 152 29.08 20.39 -12.41
CA GLU D 152 29.44 21.47 -13.33
C GLU D 152 28.42 22.61 -13.26
N ARG D 153 27.15 22.25 -13.20
CA ARG D 153 26.08 23.23 -13.12
C ARG D 153 26.26 24.17 -11.93
N VAL D 154 26.71 23.61 -10.81
CA VAL D 154 26.94 24.40 -9.60
C VAL D 154 28.29 25.11 -9.66
N LEU D 155 29.34 24.38 -9.99
CA LEU D 155 30.71 24.87 -9.80
C LEU D 155 31.10 25.88 -10.88
N SER D 156 30.33 25.92 -11.97
CA SER D 156 30.52 26.93 -13.00
C SER D 156 29.94 28.28 -12.55
N ASN D 157 29.29 28.30 -11.40
CA ASN D 157 28.65 29.50 -10.90
C ASN D 157 29.11 29.88 -9.49
N GLN D 158 29.86 28.99 -8.86
CA GLN D 158 30.48 29.27 -7.57
C GLN D 158 31.73 28.43 -7.36
N GLU D 159 32.65 28.96 -6.55
CA GLU D 159 33.97 28.36 -6.39
C GLU D 159 33.89 26.99 -5.71
N TRP D 160 33.11 26.93 -4.64
CA TRP D 160 33.00 25.75 -3.82
C TRP D 160 31.56 25.44 -3.53
N LEU D 161 31.30 24.21 -3.07
CA LEU D 161 29.93 23.72 -2.96
C LEU D 161 29.16 24.47 -1.87
N VAL D 162 29.84 24.81 -0.78
CA VAL D 162 29.19 25.47 0.35
C VAL D 162 30.14 26.37 1.12
N GLY D 163 29.63 27.50 1.60
CA GLY D 163 30.34 28.29 2.59
C GLY D 163 31.45 29.13 1.97
N GLY D 164 31.58 29.07 0.65
CA GLY D 164 32.59 29.83 -0.05
C GLY D 164 34.01 29.47 0.34
N LYS D 165 34.19 28.26 0.84
CA LYS D 165 35.52 27.69 1.02
C LYS D 165 35.51 26.20 0.70
N MET D 166 36.69 25.65 0.42
CA MET D 166 36.81 24.19 0.30
C MET D 166 36.45 23.52 1.63
N THR D 167 35.52 22.57 1.57
CA THR D 167 35.11 21.83 2.77
C THR D 167 35.14 20.33 2.52
N ILE D 168 34.76 19.57 3.54
CA ILE D 168 34.60 18.13 3.39
C ILE D 168 33.62 17.78 2.28
N ALA D 169 32.72 18.71 1.97
CA ALA D 169 31.78 18.52 0.88
C ALA D 169 32.50 18.32 -0.44
N ASP D 170 33.37 19.28 -0.77
CA ASP D 170 34.16 19.20 -1.99
C ASP D 170 35.10 17.99 -1.95
N ILE D 171 35.84 17.87 -0.85
CA ILE D 171 36.89 16.87 -0.74
C ILE D 171 36.36 15.47 -1.02
N SER D 172 35.12 15.23 -0.63
CA SER D 172 34.56 13.88 -0.66
C SER D 172 34.46 13.30 -2.06
N PHE D 173 34.42 14.17 -3.08
CA PHE D 173 34.22 13.71 -4.45
C PHE D 173 35.53 13.27 -5.09
N VAL D 174 36.65 13.67 -4.49
CA VAL D 174 37.92 13.67 -5.19
C VAL D 174 38.35 12.26 -5.61
N SER D 175 38.39 11.34 -4.67
CA SER D 175 38.99 10.05 -4.94
C SER D 175 38.24 9.31 -6.05
N TRP D 176 36.92 9.29 -5.97
CA TRP D 176 36.13 8.64 -7.00
C TRP D 176 36.28 9.31 -8.34
N ASN D 177 36.32 10.63 -8.34
CA ASN D 177 36.38 11.37 -9.59
C ASN D 177 37.69 11.10 -10.33
N ASP D 178 38.77 10.93 -9.57
CA ASP D 178 40.06 10.60 -10.17
C ASP D 178 40.05 9.17 -10.70
N MET D 179 39.35 8.29 -10.01
CA MET D 179 39.35 6.88 -10.34
C MET D 179 38.49 6.57 -11.55
N ILE D 180 37.45 7.37 -11.76
CA ILE D 180 36.39 6.99 -12.68
C ILE D 180 36.80 7.25 -14.13
N VAL D 181 37.80 8.09 -14.32
CA VAL D 181 38.09 8.64 -15.64
C VAL D 181 38.45 7.54 -16.63
N HIS D 182 39.02 6.45 -16.12
CA HIS D 182 39.50 5.38 -16.97
C HIS D 182 38.38 4.51 -17.46
N PHE D 183 37.20 4.66 -16.86
CA PHE D 183 36.05 3.84 -17.20
C PHE D 183 35.09 4.57 -18.14
N LEU D 184 35.47 5.77 -18.56
CA LEU D 184 34.67 6.55 -19.50
C LEU D 184 35.28 6.56 -20.89
N ASP D 185 34.43 6.60 -21.91
CA ASP D 185 34.86 6.53 -23.30
C ASP D 185 35.33 7.90 -23.79
N ASN D 186 36.50 7.93 -24.41
CA ASN D 186 36.95 9.13 -25.10
C ASN D 186 36.72 10.36 -24.25
N PHE D 187 37.21 10.31 -23.02
CA PHE D 187 36.82 11.28 -22.00
C PHE D 187 37.94 12.27 -21.68
N ASP D 188 37.69 13.54 -21.95
CA ASP D 188 38.60 14.60 -21.58
C ASP D 188 37.99 15.44 -20.46
N PHE D 189 38.42 15.18 -19.23
CA PHE D 189 37.74 15.73 -18.07
C PHE D 189 37.74 17.26 -18.12
N GLU D 190 38.86 17.84 -18.50
CA GLU D 190 38.98 19.30 -18.54
C GLU D 190 38.18 19.89 -19.69
N LYS D 191 38.14 19.17 -20.80
CA LYS D 191 37.31 19.56 -21.93
C LYS D 191 35.83 19.53 -21.57
N GLU D 192 35.39 18.43 -21.10
N GLU D 192 35.32 18.47 -21.08
CA GLU D 192 33.99 18.11 -20.91
CA GLU D 192 33.87 18.24 -20.96
C GLU D 192 33.36 18.95 -19.81
C GLU D 192 33.30 18.98 -19.76
N PHE D 193 33.99 19.11 -18.74
CA PHE D 193 33.56 19.70 -17.47
C PHE D 193 34.65 20.59 -16.87
N PRO D 194 34.89 21.73 -17.49
CA PRO D 194 36.07 22.55 -17.18
C PRO D 194 36.08 23.03 -15.72
N ALA D 195 34.94 23.48 -15.23
CA ALA D 195 34.86 24.02 -13.88
C ALA D 195 35.09 22.93 -12.86
N THR D 196 34.48 21.78 -13.09
CA THR D 196 34.62 20.65 -12.18
C THR D 196 36.03 20.11 -12.22
N ALA D 197 36.64 20.10 -13.40
CA ALA D 197 38.01 19.66 -13.55
C ALA D 197 38.97 20.55 -12.77
N ALA D 198 38.87 21.85 -12.95
CA ALA D 198 39.73 22.80 -12.26
C ALA D 198 39.59 22.63 -10.75
N TRP D 199 38.35 22.48 -10.32
CA TRP D 199 38.00 22.28 -8.93
C TRP D 199 38.59 21.00 -8.41
N HIS D 200 38.50 19.95 -9.21
CA HIS D 200 39.06 18.66 -8.88
C HIS D 200 40.56 18.74 -8.71
N TYR D 201 41.24 19.33 -9.68
CA TYR D 201 42.70 19.26 -9.72
C TYR D 201 43.35 20.26 -8.77
N LYS D 202 42.63 21.32 -8.44
CA LYS D 202 43.05 22.22 -7.37
C LYS D 202 43.20 21.46 -6.06
N MET D 203 42.20 20.66 -5.73
CA MET D 203 42.24 19.90 -4.49
C MET D 203 43.32 18.83 -4.52
N LEU D 204 43.40 18.11 -5.63
CA LEU D 204 44.36 17.03 -5.79
C LEU D 204 45.80 17.54 -5.64
N LYS D 205 45.97 18.83 -5.86
CA LYS D 205 47.28 19.46 -5.82
C LYS D 205 47.76 19.65 -4.39
N ARG D 206 46.81 19.77 -3.45
CA ARG D 206 47.15 20.00 -2.06
C ARG D 206 47.97 18.85 -1.50
N PRO D 207 49.13 19.17 -0.91
CA PRO D 207 50.00 18.14 -0.35
C PRO D 207 49.28 17.21 0.62
N THR D 208 48.30 17.76 1.33
CA THR D 208 47.49 16.97 2.27
C THR D 208 46.68 15.89 1.57
N ILE D 209 46.34 16.13 0.31
CA ILE D 209 45.59 15.17 -0.48
C ILE D 209 46.52 14.36 -1.39
N LYS D 210 47.51 15.04 -1.96
CA LYS D 210 48.50 14.39 -2.81
C LYS D 210 49.23 13.27 -2.07
N ARG D 211 49.56 13.49 -0.81
CA ARG D 211 50.35 12.53 -0.05
C ARG D 211 49.65 11.18 0.07
N PRO D 212 48.42 11.18 0.54
CA PRO D 212 47.67 9.93 0.69
C PRO D 212 47.35 9.29 -0.66
N TRP D 213 47.09 10.10 -1.67
CA TRP D 213 46.81 9.59 -3.00
C TRP D 213 48.03 8.99 -3.64
N ASP D 214 49.19 9.57 -3.36
CA ASP D 214 50.45 8.96 -3.75
C ASP D 214 50.72 7.65 -3.02
N GLU D 215 50.27 7.56 -1.78
CA GLU D 215 50.37 6.30 -1.03
C GLU D 215 49.50 5.20 -1.63
N ARG D 216 48.32 5.57 -2.11
CA ARG D 216 47.47 4.62 -2.81
C ARG D 216 48.18 4.07 -4.03
N ARG D 217 48.73 4.97 -4.84
CA ARG D 217 49.49 4.56 -6.01
C ARG D 217 50.59 3.57 -5.66
N LYS D 218 51.35 3.88 -4.62
CA LYS D 218 52.44 3.02 -4.18
C LYS D 218 51.91 1.66 -3.77
N LEU D 219 50.77 1.64 -3.10
CA LEU D 219 50.17 0.40 -2.64
C LEU D 219 49.57 -0.38 -3.80
N MET D 220 48.93 0.32 -4.73
CA MET D 220 48.37 -0.31 -5.92
C MET D 220 49.48 -0.91 -6.76
N SER D 221 50.72 -0.54 -6.47
CA SER D 221 51.83 -1.22 -7.11
C SER D 221 52.70 -1.69 -5.97
N ARG D 222 52.13 -2.60 -5.19
CA ARG D 222 52.81 -3.20 -4.04
C ARG D 222 54.32 -3.10 -4.20
#